data_9NTN
#
_entry.id   9NTN
#
_cell.length_a   70.459
_cell.length_b   82.920
_cell.length_c   231.779
_cell.angle_alpha   90.000
_cell.angle_beta   90.000
_cell.angle_gamma   90.000
#
_symmetry.space_group_name_H-M   'P 21 21 21'
#
loop_
_entity.id
_entity.type
_entity.pdbx_description
1 polymer Cap10
2 polymer CdnD
3 non-polymer 'COENZYME A'
4 non-polymer '2-amino-4-oxo-4,7-dihydro-3H-pyrrolo[2,3-d]pyrimidine-5-carboxylic acid'
5 water water
#
loop_
_entity_poly.entity_id
_entity_poly.type
_entity_poly.pdbx_seq_one_letter_code
_entity_poly.pdbx_strand_id
1 'polypeptide(L)'
;MLAKRRGFYLDGNEIIRTPLLLPSFSSKGFPEVQEIIEATSDVIDGPCLISAYDLHYGSIKGPYDFAQAIFIDSGGYEAS
KDVELSDLGTMPHTPAEWSQDDFSRIIGSWQSPTPTVLVSYDHPKDRLPTRAQIERADAMLPKRPHTFREILFKPERVAT
GGTSEPPEVTRVNVSAIVDNIGMMARFDALGITEKEVGGNLKERMVNIARIRRALDKVKLTRMPIHVFGSLDTVTTPLYF
LAGADVFDGLTWLRFAYYKGMTIYRQNYAAVELGIDMKAHLVDAKCCFDNYRYMKGLEGEMRGFLKEGFASFEHHRPLLE
RACRAVLEETEV
;
A,B
2 'polypeptide(L)'
;GGSGGSFGSGFDPRDISRQVRDAEKKLGDEAFGAKIADLFTGLLGDYNNRDTSLVRQRIDDMLEGLRDVAEGELDLVFGG
SVAKRTYVDGLSDVDCLVIVNDTALEAAGPHAARDLVAKELAAKLAGKAEVSAGKLAVTVRYGDGMEIQLLPAVRTEAGV
KIPSARVDGRWSEIDPGKFQQALTKYNKACAGKLVPAVKLAKAVIAQLPDAHQLSGYHIESLAIDAFRNYTGTMTPAAML
PHFFEHAKERVLRPMTDRTGQSVHVDGYMGDAHSDARKTASHLLGRLAKRMANATAARSLPQWEDLFGADEGSSHHHHHH
;
G,H
#
# COMPACT_ATOMS: atom_id res chain seq x y z
N MET A 1 29.37 -1.77 -13.57
CA MET A 1 28.03 -1.43 -13.13
C MET A 1 27.83 -1.90 -11.68
N LEU A 2 27.04 -1.14 -10.90
CA LEU A 2 26.84 -1.50 -9.50
C LEU A 2 25.99 -2.75 -9.35
N ALA A 3 25.10 -3.01 -10.31
CA ALA A 3 24.25 -4.19 -10.26
C ALA A 3 24.95 -5.35 -10.94
N LYS A 4 25.00 -6.49 -10.27
CA LYS A 4 25.69 -7.64 -10.82
C LYS A 4 25.08 -8.90 -10.23
N ARG A 5 25.25 -10.02 -10.94
CA ARG A 5 24.84 -11.31 -10.42
C ARG A 5 25.90 -11.80 -9.43
N ARG A 6 25.51 -11.93 -8.17
CA ARG A 6 26.43 -12.40 -7.12
C ARG A 6 25.79 -13.55 -6.37
N GLY A 7 26.38 -13.97 -5.25
CA GLY A 7 25.77 -15.00 -4.46
C GLY A 7 26.76 -15.63 -3.49
N PHE A 8 26.33 -16.75 -2.92
CA PHE A 8 27.10 -17.52 -1.95
C PHE A 8 27.73 -18.71 -2.67
N TYR A 9 29.05 -18.81 -2.59
CA TYR A 9 29.80 -19.79 -3.38
C TYR A 9 30.47 -20.81 -2.48
N LEU A 10 30.41 -22.08 -2.89
CA LEU A 10 31.14 -23.17 -2.27
C LEU A 10 31.98 -23.84 -3.35
N ASP A 11 33.30 -23.79 -3.17
CA ASP A 11 34.26 -24.35 -4.14
C ASP A 11 34.06 -23.73 -5.53
N GLY A 12 33.80 -22.43 -5.57
CA GLY A 12 33.63 -21.71 -6.81
C GLY A 12 32.30 -21.90 -7.51
N ASN A 13 31.41 -22.71 -6.96
CA ASN A 13 30.10 -22.95 -7.55
C ASN A 13 29.04 -22.16 -6.80
N GLU A 14 28.09 -21.60 -7.55
CA GLU A 14 27.06 -20.74 -6.98
C GLU A 14 26.01 -21.60 -6.28
N ILE A 15 25.89 -21.45 -4.97
CA ILE A 15 24.91 -22.20 -4.19
C ILE A 15 23.63 -21.40 -4.00
N ILE A 16 23.75 -20.13 -3.64
CA ILE A 16 22.62 -19.22 -3.54
C ILE A 16 22.86 -18.07 -4.50
N ARG A 17 21.83 -17.70 -5.26
CA ARG A 17 21.95 -16.72 -6.34
C ARG A 17 21.28 -15.42 -5.94
N THR A 18 21.97 -14.30 -6.22
CA THR A 18 21.46 -12.96 -6.01
C THR A 18 21.34 -12.23 -7.35
N PRO A 19 20.43 -11.25 -7.47
CA PRO A 19 19.54 -10.65 -6.46
C PRO A 19 18.50 -11.62 -5.92
N LEU A 20 18.35 -11.65 -4.59
CA LEU A 20 17.43 -12.55 -3.91
C LEU A 20 16.49 -11.76 -3.03
N LEU A 21 15.19 -12.00 -3.20
CA LEU A 21 14.16 -11.41 -2.34
C LEU A 21 13.73 -12.47 -1.32
N LEU A 22 13.97 -12.19 -0.05
CA LEU A 22 13.85 -13.19 1.01
C LEU A 22 12.59 -12.96 1.83
N PRO A 23 11.63 -13.88 1.81
CA PRO A 23 10.49 -13.76 2.73
C PRO A 23 10.92 -14.06 4.15
N SER A 24 10.60 -13.15 5.07
CA SER A 24 11.04 -13.24 6.46
C SER A 24 9.88 -13.63 7.37
N PHE A 25 10.21 -14.40 8.40
CA PHE A 25 9.28 -14.76 9.45
C PHE A 25 9.80 -14.27 10.80
N SER A 26 8.90 -13.76 11.63
CA SER A 26 9.29 -13.28 12.95
C SER A 26 8.08 -13.32 13.87
N SER A 27 8.34 -13.54 15.15
CA SER A 27 7.29 -13.51 16.15
C SER A 27 6.91 -12.10 16.55
N LYS A 28 7.83 -11.15 16.40
CA LYS A 28 7.58 -9.76 16.74
C LYS A 28 6.52 -9.19 15.81
N GLY A 29 5.34 -8.91 16.35
CA GLY A 29 4.22 -8.45 15.57
C GLY A 29 3.35 -9.55 14.99
N PHE A 30 3.81 -10.81 15.00
CA PHE A 30 3.06 -11.93 14.44
C PHE A 30 3.10 -13.09 15.43
N PRO A 31 2.15 -13.13 16.38
CA PRO A 31 2.14 -14.22 17.35
C PRO A 31 1.73 -15.56 16.75
N GLU A 32 1.09 -15.57 15.59
CA GLU A 32 0.72 -16.80 14.89
C GLU A 32 1.69 -17.10 13.75
N VAL A 33 2.98 -16.83 13.96
CA VAL A 33 3.96 -16.95 12.89
C VAL A 33 4.09 -18.39 12.42
N GLN A 34 3.97 -19.35 13.34
CA GLN A 34 4.07 -20.76 12.97
C GLN A 34 2.96 -21.16 12.01
N GLU A 35 1.75 -20.63 12.21
CA GLU A 35 0.66 -20.88 11.26
C GLU A 35 0.97 -20.25 9.90
N ILE A 36 1.71 -19.14 9.88
CA ILE A 36 2.07 -18.53 8.60
C ILE A 36 3.10 -19.38 7.88
N ILE A 37 4.07 -19.93 8.64
CA ILE A 37 5.09 -20.78 8.02
C ILE A 37 4.45 -22.03 7.42
N GLU A 38 3.49 -22.61 8.13
CA GLU A 38 2.87 -23.85 7.66
C GLU A 38 2.05 -23.62 6.39
N ALA A 39 1.34 -22.49 6.31
CA ALA A 39 0.53 -22.21 5.13
C ALA A 39 1.38 -21.81 3.95
N THR A 40 2.32 -20.89 4.15
CA THR A 40 3.14 -20.39 3.05
C THR A 40 4.19 -21.40 2.59
N SER A 41 4.46 -22.44 3.37
CA SER A 41 5.41 -23.46 2.94
C SER A 41 4.95 -24.20 1.70
N ASP A 42 3.65 -24.21 1.43
CA ASP A 42 3.12 -24.84 0.22
C ASP A 42 3.38 -24.02 -1.04
N VAL A 43 3.85 -22.78 -0.92
CA VAL A 43 4.16 -21.96 -2.08
C VAL A 43 5.60 -21.47 -2.09
N ILE A 44 6.32 -21.50 -0.98
CA ILE A 44 7.69 -21.02 -0.93
C ILE A 44 8.60 -22.12 -1.47
N ASP A 45 9.18 -21.88 -2.64
CA ASP A 45 10.16 -22.80 -3.22
C ASP A 45 11.60 -22.36 -2.99
N GLY A 46 11.83 -21.07 -2.81
CA GLY A 46 13.18 -20.56 -2.67
C GLY A 46 13.57 -20.37 -1.22
N PRO A 47 14.63 -19.59 -0.98
CA PRO A 47 15.09 -19.38 0.39
C PRO A 47 14.16 -18.47 1.17
N CYS A 48 14.24 -18.58 2.49
CA CYS A 48 13.51 -17.72 3.41
C CYS A 48 14.36 -17.46 4.63
N LEU A 49 13.89 -16.53 5.47
CA LEU A 49 14.64 -16.09 6.65
C LEU A 49 13.82 -16.35 7.91
N ILE A 50 14.47 -16.95 8.91
CA ILE A 50 13.91 -17.13 10.24
C ILE A 50 14.87 -16.50 11.25
N SER A 51 14.49 -16.58 12.53
CA SER A 51 15.25 -15.95 13.59
C SER A 51 15.67 -16.99 14.63
N ALA A 52 16.93 -16.93 15.05
CA ALA A 52 17.40 -17.81 16.12
C ALA A 52 16.68 -17.50 17.43
N TYR A 53 16.26 -16.25 17.61
CA TYR A 53 15.45 -15.88 18.77
C TYR A 53 14.17 -16.72 18.82
N ASP A 54 13.47 -16.83 17.69
CA ASP A 54 12.23 -17.60 17.65
C ASP A 54 12.49 -19.10 17.75
N LEU A 55 13.62 -19.57 17.22
CA LEU A 55 13.99 -20.97 17.41
C LEU A 55 14.22 -21.27 18.88
N HIS A 56 14.82 -20.34 19.61
CA HIS A 56 15.15 -20.57 21.01
C HIS A 56 13.90 -20.54 21.89
N TYR A 57 12.99 -19.61 21.64
CA TYR A 57 11.80 -19.47 22.45
C TYR A 57 10.60 -20.28 21.93
N GLY A 58 10.79 -21.05 20.86
CA GLY A 58 9.73 -21.93 20.40
C GLY A 58 8.60 -21.27 19.65
N SER A 59 8.77 -20.03 19.19
CA SER A 59 7.73 -19.40 18.40
C SER A 59 7.51 -20.11 17.08
N ILE A 60 8.58 -20.69 16.53
CA ILE A 60 8.55 -21.44 15.28
C ILE A 60 9.05 -22.85 15.57
N LYS A 61 8.43 -23.85 14.93
CA LYS A 61 8.86 -25.23 15.13
C LYS A 61 9.09 -26.02 13.85
N GLY A 62 9.04 -25.37 12.69
CA GLY A 62 9.35 -26.08 11.47
C GLY A 62 8.23 -27.00 11.03
N PRO A 63 8.50 -27.86 10.05
CA PRO A 63 9.81 -28.18 9.45
C PRO A 63 10.25 -27.14 8.42
N TYR A 64 11.55 -26.89 8.35
CA TYR A 64 12.11 -25.87 7.49
C TYR A 64 12.70 -26.42 6.19
N ASP A 65 12.46 -27.70 5.90
CA ASP A 65 12.99 -28.31 4.69
C ASP A 65 12.23 -27.90 3.42
N PHE A 66 11.14 -27.14 3.57
CA PHE A 66 10.38 -26.71 2.39
C PHE A 66 11.15 -25.70 1.55
N ALA A 67 12.07 -24.96 2.17
CA ALA A 67 12.77 -23.88 1.48
C ALA A 67 14.04 -24.39 0.80
N GLN A 68 14.47 -23.65 -0.22
CA GLN A 68 15.72 -23.98 -0.90
C GLN A 68 16.92 -23.74 0.01
N ALA A 69 16.90 -22.66 0.78
CA ALA A 69 17.93 -22.38 1.76
C ALA A 69 17.29 -21.65 2.93
N ILE A 70 18.03 -21.57 4.04
CA ILE A 70 17.53 -20.93 5.25
C ILE A 70 18.53 -19.88 5.70
N PHE A 71 18.06 -18.65 5.87
CA PHE A 71 18.83 -17.58 6.49
C PHE A 71 18.47 -17.55 7.97
N ILE A 72 19.42 -17.91 8.83
CA ILE A 72 19.20 -17.86 10.28
C ILE A 72 19.61 -16.47 10.73
N ASP A 73 18.63 -15.61 11.01
CA ASP A 73 18.92 -14.31 11.57
C ASP A 73 19.29 -14.47 13.04
N SER A 74 20.20 -13.62 13.50
CA SER A 74 20.76 -13.76 14.84
C SER A 74 19.70 -13.60 15.92
N GLY A 75 18.75 -12.69 15.71
CA GLY A 75 17.74 -12.38 16.72
C GLY A 75 17.75 -10.94 17.18
N GLY A 76 18.58 -10.07 16.60
CA GLY A 76 18.62 -8.68 17.02
C GLY A 76 17.37 -7.90 16.70
N TYR A 77 16.56 -8.38 15.76
CA TYR A 77 15.27 -7.72 15.51
C TYR A 77 14.29 -8.02 16.64
N GLU A 78 14.12 -9.29 16.97
CA GLU A 78 13.18 -9.65 18.04
C GLU A 78 13.66 -9.18 19.40
N ALA A 79 14.96 -9.03 19.59
CA ALA A 79 15.50 -8.56 20.86
C ALA A 79 15.49 -7.04 20.99
N SER A 80 14.86 -6.35 20.05
CA SER A 80 14.88 -4.90 19.99
C SER A 80 13.47 -4.34 19.93
N LYS A 81 13.23 -3.28 20.70
CA LYS A 81 12.03 -2.48 20.49
C LYS A 81 12.14 -1.65 19.22
N ASP A 82 13.35 -1.42 18.72
CA ASP A 82 13.52 -0.71 17.46
C ASP A 82 12.92 -1.51 16.31
N VAL A 83 12.36 -0.81 15.34
CA VAL A 83 11.68 -1.41 14.21
C VAL A 83 12.30 -0.89 12.92
N GLU A 84 11.81 -1.39 11.79
CA GLU A 84 12.27 -0.98 10.47
C GLU A 84 11.35 0.09 9.90
N LEU A 85 11.65 0.52 8.68
CA LEU A 85 10.86 1.55 8.03
C LEU A 85 9.48 1.05 7.59
N SER A 86 9.28 -0.26 7.49
CA SER A 86 8.02 -0.81 7.03
C SER A 86 7.10 -1.24 8.16
N ASP A 87 7.48 -0.96 9.41
CA ASP A 87 6.61 -1.23 10.54
C ASP A 87 5.53 -0.17 10.63
N LEU A 88 4.27 -0.61 10.73
CA LEU A 88 3.14 0.31 10.83
C LEU A 88 2.34 0.10 12.09
N GLY A 89 3.03 -0.03 13.22
CA GLY A 89 2.36 -0.28 14.48
C GLY A 89 2.91 -1.49 15.20
N THR A 90 2.99 -1.41 16.53
CA THR A 90 3.53 -2.50 17.33
C THR A 90 3.13 -2.29 18.78
N MET A 91 2.50 -3.31 19.37
CA MET A 91 2.04 -3.22 20.75
C MET A 91 2.85 -4.13 21.67
N HIS A 93 6.19 -4.21 21.57
CA HIS A 93 6.92 -5.46 21.67
C HIS A 93 7.90 -5.44 22.85
N THR A 94 7.76 -6.42 23.74
CA THR A 94 8.62 -6.54 24.90
C THR A 94 9.66 -7.63 24.65
N PRO A 95 10.89 -7.29 24.30
CA PRO A 95 11.89 -8.33 24.04
C PRO A 95 12.32 -9.04 25.32
N ALA A 96 12.51 -10.35 25.22
CA ALA A 96 13.04 -11.12 26.32
C ALA A 96 14.56 -11.11 26.24
N GLU A 97 15.19 -11.87 27.13
CA GLU A 97 16.65 -11.88 27.18
C GLU A 97 17.20 -12.69 26.02
N TRP A 98 18.20 -12.13 25.34
CA TRP A 98 18.83 -12.77 24.19
C TRP A 98 20.34 -12.58 24.34
N SER A 99 20.96 -13.48 25.10
CA SER A 99 22.40 -13.41 25.35
C SER A 99 23.17 -14.07 24.20
N GLN A 100 24.49 -13.86 24.23
CA GLN A 100 25.33 -14.49 23.21
C GLN A 100 25.33 -16.01 23.35
N ASP A 101 25.18 -16.52 24.57
CA ASP A 101 25.18 -17.96 24.76
C ASP A 101 23.91 -18.59 24.17
N ASP A 102 22.76 -17.93 24.33
CA ASP A 102 21.54 -18.42 23.71
C ASP A 102 21.67 -18.46 22.18
N PHE A 103 22.32 -17.44 21.62
CA PHE A 103 22.50 -17.39 20.16
C PHE A 103 23.48 -18.46 19.69
N SER A 104 24.55 -18.69 20.45
CA SER A 104 25.55 -19.67 20.04
C SER A 104 25.03 -21.09 20.14
N ARG A 105 24.13 -21.37 21.09
CA ARG A 105 23.58 -22.71 21.24
C ARG A 105 22.63 -23.05 20.11
N ILE A 106 21.89 -22.06 19.60
CA ILE A 106 20.96 -22.32 18.50
C ILE A 106 21.72 -22.59 17.20
N ILE A 107 22.64 -21.68 16.84
CA ILE A 107 23.37 -21.87 15.59
C ILE A 107 24.36 -23.02 15.68
N GLY A 108 24.77 -23.40 16.89
CA GLY A 108 25.68 -24.53 17.04
C GLY A 108 25.01 -25.86 16.83
N SER A 109 23.74 -25.98 17.22
CA SER A 109 22.98 -27.21 17.07
C SER A 109 22.14 -27.25 15.82
N TRP A 110 22.17 -26.21 14.99
CA TRP A 110 21.36 -26.19 13.79
C TRP A 110 21.90 -27.20 12.78
N GLN A 111 21.04 -28.10 12.33
CA GLN A 111 21.39 -29.07 11.31
C GLN A 111 20.30 -29.08 10.26
N SER A 112 20.68 -29.01 8.98
CA SER A 112 19.71 -28.92 7.90
C SER A 112 20.25 -29.57 6.63
N PRO A 113 19.41 -30.28 5.87
CA PRO A 113 19.87 -30.80 4.57
C PRO A 113 20.05 -29.74 3.51
N THR A 114 19.49 -28.55 3.70
CA THR A 114 19.61 -27.45 2.75
C THR A 114 20.69 -26.46 3.20
N PRO A 115 21.20 -25.63 2.30
CA PRO A 115 22.20 -24.63 2.70
C PRO A 115 21.66 -23.68 3.76
N THR A 116 22.55 -23.22 4.63
CA THR A 116 22.21 -22.35 5.74
C THR A 116 23.13 -21.14 5.74
N VAL A 117 22.55 -19.98 5.99
CA VAL A 117 23.32 -18.73 6.14
C VAL A 117 23.13 -18.25 7.57
N LEU A 118 24.23 -18.09 8.30
CA LEU A 118 24.21 -17.66 9.69
C LEU A 118 24.60 -16.19 9.79
N VAL A 119 23.80 -15.42 10.51
CA VAL A 119 24.02 -13.99 10.68
C VAL A 119 24.67 -13.74 12.03
N SER A 120 25.56 -12.75 12.08
CA SER A 120 26.29 -12.43 13.30
C SER A 120 25.35 -11.88 14.37
N TYR A 121 25.74 -12.07 15.62
CA TYR A 121 24.91 -11.66 16.76
C TYR A 121 24.93 -10.15 16.91
N ASP A 122 23.77 -9.59 17.28
CA ASP A 122 23.66 -8.17 17.59
C ASP A 122 22.55 -7.97 18.60
N HIS A 123 22.75 -7.02 19.52
CA HIS A 123 21.80 -6.67 20.56
C HIS A 123 21.83 -5.16 20.72
N PRO A 124 20.68 -4.53 20.98
CA PRO A 124 20.66 -3.07 21.15
C PRO A 124 21.55 -2.57 22.28
N LYS A 125 21.87 -3.42 23.25
CA LYS A 125 22.72 -3.03 24.38
C LYS A 125 24.15 -3.56 24.23
N ASP A 126 24.43 -4.35 23.20
CA ASP A 126 25.73 -4.98 23.01
C ASP A 126 26.32 -4.55 21.66
N ARG A 127 26.77 -3.30 21.58
CA ARG A 127 27.38 -2.77 20.36
C ARG A 127 28.87 -2.52 20.57
N LEU A 128 29.61 -2.59 19.48
CA LEU A 128 31.06 -2.51 19.46
C LEU A 128 31.51 -1.59 18.35
N PRO A 129 32.76 -1.13 18.38
CA PRO A 129 33.32 -0.45 17.21
C PRO A 129 33.29 -1.35 15.99
N THR A 130 33.34 -0.72 14.81
CA THR A 130 33.14 -1.46 13.56
C THR A 130 34.16 -2.58 13.39
N ARG A 131 35.44 -2.28 13.64
CA ARG A 131 36.46 -3.30 13.47
C ARG A 131 36.26 -4.45 14.46
N ALA A 132 35.85 -4.12 15.69
CA ALA A 132 35.57 -5.15 16.68
C ALA A 132 34.37 -6.00 16.30
N GLN A 133 33.41 -5.44 15.56
CA GLN A 133 32.27 -6.22 15.09
C GLN A 133 32.74 -7.31 14.12
N ILE A 134 33.72 -6.99 13.27
CA ILE A 134 34.26 -7.98 12.36
C ILE A 134 34.95 -9.10 13.14
N GLU A 135 35.63 -8.73 14.23
CA GLU A 135 36.33 -9.73 15.03
C GLU A 135 35.35 -10.64 15.76
N ARG A 136 34.21 -10.10 16.21
CA ARG A 136 33.22 -10.92 16.89
C ARG A 136 32.60 -11.93 15.94
N ALA A 137 32.26 -11.49 14.73
CA ALA A 137 31.56 -12.37 13.79
C ALA A 137 32.47 -13.48 13.29
N ASP A 138 33.77 -13.20 13.14
CA ASP A 138 34.70 -14.25 12.74
C ASP A 138 34.91 -15.28 13.85
N ALA A 139 34.65 -14.91 15.10
CA ALA A 139 34.85 -15.83 16.22
C ALA A 139 33.59 -16.58 16.61
N MET A 140 32.42 -15.95 16.51
CA MET A 140 31.18 -16.60 16.93
C MET A 140 30.56 -17.44 15.82
N LEU A 141 30.53 -16.95 14.59
CA LEU A 141 29.96 -17.70 13.48
C LEU A 141 30.85 -18.90 13.14
N PRO A 142 30.34 -20.13 13.23
CA PRO A 142 31.20 -21.29 12.99
C PRO A 142 31.48 -21.50 11.51
N LYS A 143 32.69 -21.96 11.22
CA LYS A 143 33.09 -22.33 9.86
C LYS A 143 32.80 -23.82 9.70
N ARG A 144 31.60 -24.13 9.24
CA ARG A 144 31.07 -25.48 9.18
C ARG A 144 30.63 -25.80 7.76
N PRO A 145 30.49 -27.09 7.42
CA PRO A 145 29.96 -27.44 6.10
C PRO A 145 28.50 -27.02 5.98
N HIS A 146 28.11 -26.69 4.74
CA HIS A 146 26.75 -26.29 4.38
C HIS A 146 26.29 -25.06 5.14
N THR A 147 27.22 -24.24 5.63
CA THR A 147 26.89 -23.05 6.40
C THR A 147 27.71 -21.88 5.90
N PHE A 148 27.04 -20.81 5.48
CA PHE A 148 27.67 -19.58 5.08
C PHE A 148 27.67 -18.59 6.24
N ARG A 149 28.58 -17.63 6.19
CA ARG A 149 28.80 -16.69 7.28
C ARG A 149 28.54 -15.28 6.78
N GLU A 150 27.64 -14.57 7.45
CA GLU A 150 27.25 -13.22 7.07
C GLU A 150 27.27 -12.32 8.29
N ILE A 151 27.97 -11.20 8.19
CA ILE A 151 28.11 -10.26 9.30
C ILE A 151 27.19 -9.08 9.04
N LEU A 152 26.28 -8.82 9.96
CA LEU A 152 25.40 -7.66 9.90
C LEU A 152 26.03 -6.54 10.73
N PHE A 153 26.52 -5.51 10.06
CA PHE A 153 27.06 -4.35 10.76
C PHE A 153 25.94 -3.59 11.45
N LYS A 154 26.24 -3.09 12.64
CA LYS A 154 25.32 -2.32 13.46
C LYS A 154 26.03 -1.06 13.93
N PRO A 155 25.29 -0.07 14.44
CA PRO A 155 25.93 1.12 14.99
C PRO A 155 26.88 0.77 16.13
N GLU A 156 27.80 1.69 16.40
CA GLU A 156 28.88 1.48 17.34
C GLU A 156 28.54 1.93 18.76
N ARG A 157 27.44 2.65 18.95
CA ARG A 157 27.09 3.22 20.24
C ARG A 157 25.73 2.73 20.71
N VAL A 158 25.65 2.40 22.00
CA VAL A 158 24.38 2.03 22.60
C VAL A 158 23.53 3.28 22.77
N ALA A 159 22.21 3.09 22.73
CA ALA A 159 21.29 4.21 22.86
C ALA A 159 21.53 4.95 24.18
N THR A 160 21.45 6.28 24.12
CA THR A 160 21.68 7.09 25.31
C THR A 160 20.46 7.15 26.22
N GLY A 161 19.26 7.13 25.65
CA GLY A 161 18.05 7.23 26.45
C GLY A 161 17.49 8.63 26.58
N GLY A 162 18.06 9.61 25.89
CA GLY A 162 17.62 10.99 25.96
C GLY A 162 16.50 11.29 24.98
N THR A 163 16.31 12.58 24.73
CA THR A 163 15.25 13.01 23.82
C THR A 163 15.61 12.69 22.38
N SER A 164 16.88 12.89 22.00
CA SER A 164 17.38 12.57 20.68
C SER A 164 18.54 11.57 20.80
N GLU A 165 18.85 10.93 19.69
CA GLU A 165 19.97 10.00 19.68
C GLU A 165 21.00 10.41 18.64
N PRO A 166 22.29 10.36 18.98
CA PRO A 166 23.33 10.82 18.06
C PRO A 166 23.47 9.85 16.90
N PRO A 167 24.15 10.26 15.83
CA PRO A 167 24.35 9.34 14.69
C PRO A 167 25.16 8.10 15.04
N GLU A 168 25.98 8.13 16.08
CA GLU A 168 26.69 6.92 16.47
C GLU A 168 25.74 5.85 17.00
N VAL A 169 24.50 6.19 17.27
CA VAL A 169 23.50 5.24 17.74
C VAL A 169 22.54 4.83 16.63
N THR A 170 22.23 5.76 15.73
CA THR A 170 21.21 5.54 14.70
C THR A 170 21.79 5.05 13.38
N ARG A 171 23.08 5.24 13.14
CA ARG A 171 23.68 4.91 11.86
C ARG A 171 24.94 4.07 12.05
N VAL A 172 25.21 3.22 11.06
CA VAL A 172 26.47 2.49 11.03
C VAL A 172 27.56 3.39 10.44
N ASN A 173 28.81 3.08 10.78
CA ASN A 173 29.95 3.86 10.32
C ASN A 173 30.39 3.32 8.96
N VAL A 174 29.86 3.91 7.90
CA VAL A 174 30.20 3.46 6.55
C VAL A 174 31.68 3.68 6.28
N SER A 175 32.24 4.79 6.78
CA SER A 175 33.66 5.06 6.59
C SER A 175 34.52 4.00 7.26
N ALA A 176 34.10 3.50 8.42
CA ALA A 176 34.84 2.44 9.09
C ALA A 176 34.66 1.10 8.40
N ILE A 177 33.50 0.87 7.78
CA ILE A 177 33.30 -0.36 7.02
C ILE A 177 34.19 -0.38 5.79
N VAL A 178 34.33 0.77 5.11
CA VAL A 178 35.19 0.84 3.93
C VAL A 178 36.65 0.69 4.32
N ASP A 179 37.04 1.25 5.48
CA ASP A 179 38.43 1.13 5.92
C ASP A 179 38.79 -0.31 6.20
N ASN A 180 37.91 -1.06 6.86
CA ASN A 180 38.12 -2.47 7.14
C ASN A 180 37.45 -3.38 6.12
N ILE A 181 37.38 -2.95 4.86
CA ILE A 181 36.68 -3.74 3.85
C ILE A 181 37.50 -4.95 3.41
N GLY A 182 38.81 -4.93 3.58
CA GLY A 182 39.61 -6.09 3.24
C GLY A 182 39.37 -7.28 4.15
N MET A 183 38.91 -7.01 5.37
CA MET A 183 38.58 -8.08 6.32
C MET A 183 37.28 -8.79 5.95
N MET A 184 36.58 -8.35 4.91
CA MET A 184 35.34 -9.01 4.51
C MET A 184 35.57 -10.33 3.80
N ALA A 185 36.81 -10.63 3.40
CA ALA A 185 37.10 -11.92 2.77
C ALA A 185 36.85 -13.09 3.70
N ARG A 186 36.86 -12.85 5.02
CA ARG A 186 36.62 -13.91 5.99
C ARG A 186 35.18 -14.41 5.94
N PHE A 187 34.27 -13.61 5.41
CA PHE A 187 32.84 -13.92 5.43
C PHE A 187 32.34 -14.17 4.01
N ASP A 188 31.09 -14.64 3.93
CA ASP A 188 30.43 -14.89 2.67
C ASP A 188 29.53 -13.75 2.21
N ALA A 189 29.03 -12.93 3.13
CA ALA A 189 28.15 -11.83 2.77
C ALA A 189 28.28 -10.70 3.79
N LEU A 190 27.97 -9.49 3.34
CA LEU A 190 27.97 -8.29 4.16
C LEU A 190 26.53 -7.85 4.39
N GLY A 191 26.24 -7.38 5.60
CA GLY A 191 24.88 -7.01 5.96
C GLY A 191 24.78 -5.64 6.61
N ILE A 192 23.71 -4.93 6.27
CA ILE A 192 23.39 -3.64 6.87
C ILE A 192 21.87 -3.51 6.86
N THR A 193 21.32 -2.98 7.95
CA THR A 193 19.88 -2.71 7.98
C THR A 193 19.56 -1.47 7.16
N GLU A 194 18.36 -1.45 6.58
CA GLU A 194 17.93 -0.31 5.78
C GLU A 194 17.91 0.97 6.61
N LYS A 195 17.29 0.92 7.79
CA LYS A 195 17.09 2.12 8.59
C LYS A 195 18.40 2.73 9.07
N GLU A 196 19.44 1.92 9.23
CA GLU A 196 20.69 2.38 9.82
C GLU A 196 21.78 2.69 8.81
N VAL A 197 21.56 2.40 7.52
CA VAL A 197 22.54 2.72 6.49
C VAL A 197 22.33 4.11 5.91
N GLY A 198 21.33 4.84 6.37
CA GLY A 198 21.10 6.20 5.91
C GLY A 198 19.83 6.76 6.49
N GLY A 199 19.67 8.07 6.30
CA GLY A 199 18.50 8.77 6.82
C GLY A 199 17.34 8.78 5.85
N ASN A 200 17.64 9.00 4.57
CA ASN A 200 16.62 8.96 3.53
C ASN A 200 17.02 8.00 2.42
N LEU A 201 16.24 7.98 1.34
CA LEU A 201 16.48 7.01 0.27
C LEU A 201 17.79 7.31 -0.46
N LYS A 202 18.07 8.58 -0.73
CA LYS A 202 19.29 8.94 -1.44
C LYS A 202 20.53 8.57 -0.63
N GLU A 203 20.53 8.87 0.67
CA GLU A 203 21.69 8.58 1.51
C GLU A 203 21.90 7.08 1.65
N ARG A 204 20.81 6.30 1.71
CA ARG A 204 20.94 4.86 1.78
C ARG A 204 21.52 4.29 0.49
N MET A 205 21.15 4.87 -0.65
CA MET A 205 21.68 4.40 -1.94
C MET A 205 23.15 4.77 -2.09
N VAL A 206 23.53 5.96 -1.63
CA VAL A 206 24.92 6.40 -1.75
C VAL A 206 25.82 5.55 -0.87
N ASN A 207 25.40 5.26 0.36
CA ASN A 207 26.24 4.48 1.27
C ASN A 207 26.31 3.02 0.86
N ILE A 208 25.25 2.47 0.29
CA ILE A 208 25.33 1.13 -0.28
C ILE A 208 26.32 1.10 -1.44
N ALA A 209 26.28 2.13 -2.29
CA ALA A 209 27.23 2.21 -3.39
C ALA A 209 28.67 2.34 -2.89
N ARG A 210 28.86 3.05 -1.77
CA ARG A 210 30.21 3.15 -1.20
C ARG A 210 30.72 1.79 -0.76
N ILE A 211 29.87 1.00 -0.11
CA ILE A 211 30.28 -0.32 0.35
C ILE A 211 30.53 -1.25 -0.84
N ARG A 212 29.71 -1.12 -1.89
CA ARG A 212 29.90 -1.97 -3.07
C ARG A 212 31.20 -1.65 -3.78
N ARG A 213 31.49 -0.35 -3.99
CA ARG A 213 32.74 0.02 -4.63
C ARG A 213 33.95 -0.42 -3.82
N ALA A 214 33.83 -0.42 -2.48
CA ALA A 214 34.92 -0.88 -1.64
C ALA A 214 35.12 -2.39 -1.77
N LEU A 215 34.02 -3.14 -1.84
CA LEU A 215 34.12 -4.60 -2.03
C LEU A 215 34.71 -4.93 -3.39
N ASP A 216 34.33 -4.20 -4.44
CA ASP A 216 34.86 -4.46 -5.77
C ASP A 216 36.34 -4.13 -5.89
N LYS A 217 36.86 -3.26 -5.01
CA LYS A 217 38.28 -2.93 -5.04
C LYS A 217 39.14 -4.01 -4.39
N VAL A 218 38.62 -4.69 -3.36
CA VAL A 218 39.34 -5.75 -2.68
C VAL A 218 39.00 -7.09 -3.32
N LYS A 219 38.60 -7.05 -4.59
CA LYS A 219 38.34 -8.26 -5.39
C LYS A 219 37.23 -9.11 -4.77
N LEU A 220 36.24 -8.46 -4.17
CA LEU A 220 35.03 -9.15 -3.72
C LEU A 220 33.85 -8.75 -4.59
N THR A 221 34.03 -8.83 -5.91
CA THR A 221 33.02 -8.39 -6.86
C THR A 221 31.78 -9.27 -6.85
N ARG A 222 31.85 -10.46 -6.26
CA ARG A 222 30.72 -11.38 -6.22
C ARG A 222 30.18 -11.56 -4.81
N MET A 223 30.60 -10.70 -3.88
CA MET A 223 30.12 -10.80 -2.50
C MET A 223 28.78 -10.08 -2.36
N PRO A 224 27.74 -10.75 -1.85
CA PRO A 224 26.43 -10.11 -1.75
C PRO A 224 26.36 -9.10 -0.62
N ILE A 225 25.53 -8.08 -0.82
CA ILE A 225 25.19 -7.12 0.22
C ILE A 225 23.74 -7.35 0.60
N HIS A 226 23.50 -7.58 1.89
CA HIS A 226 22.17 -7.90 2.41
C HIS A 226 21.63 -6.67 3.14
N VAL A 227 20.52 -6.13 2.64
CA VAL A 227 19.85 -4.99 3.27
C VAL A 227 18.68 -5.55 4.07
N PHE A 228 18.84 -5.59 5.39
CA PHE A 228 17.82 -6.15 6.28
C PHE A 228 16.68 -5.16 6.43
N GLY A 229 15.45 -5.65 6.21
CA GLY A 229 14.26 -4.86 6.40
C GLY A 229 13.66 -4.30 5.12
N SER A 230 14.44 -4.22 4.05
CA SER A 230 13.98 -3.68 2.78
C SER A 230 13.35 -4.82 1.98
N LEU A 231 12.04 -4.74 1.77
CA LEU A 231 11.33 -5.71 0.94
C LEU A 231 10.03 -5.12 0.43
N ASP A 232 10.12 -4.16 -0.48
CA ASP A 232 8.95 -3.53 -1.06
C ASP A 232 9.18 -3.33 -2.55
N THR A 233 8.21 -2.72 -3.22
CA THR A 233 8.19 -2.63 -4.67
C THR A 233 8.98 -1.43 -5.21
N VAL A 234 9.53 -0.58 -4.35
CA VAL A 234 10.21 0.62 -4.81
C VAL A 234 11.63 0.69 -4.29
N THR A 235 11.80 0.63 -2.97
CA THR A 235 13.13 0.80 -2.39
C THR A 235 14.02 -0.41 -2.65
N THR A 236 13.44 -1.61 -2.72
CA THR A 236 14.24 -2.79 -2.99
C THR A 236 14.88 -2.79 -4.37
N PRO A 237 14.17 -2.47 -5.47
CA PRO A 237 14.87 -2.35 -6.76
C PRO A 237 15.90 -1.24 -6.78
N LEU A 238 15.66 -0.14 -6.04
CA LEU A 238 16.60 0.97 -6.03
C LEU A 238 17.90 0.59 -5.33
N TYR A 239 17.82 -0.19 -4.24
CA TYR A 239 19.03 -0.64 -3.57
C TYR A 239 19.81 -1.62 -4.42
N PHE A 240 19.11 -2.41 -5.25
CA PHE A 240 19.79 -3.33 -6.14
C PHE A 240 20.60 -2.58 -7.19
N LEU A 241 20.03 -1.51 -7.74
CA LEU A 241 20.77 -0.66 -8.67
C LEU A 241 21.93 0.06 -8.00
N ALA A 242 21.91 0.18 -6.67
CA ALA A 242 22.99 0.83 -5.95
C ALA A 242 24.11 -0.12 -5.55
N GLY A 243 23.86 -1.43 -5.62
CA GLY A 243 24.92 -2.38 -5.35
C GLY A 243 24.54 -3.51 -4.41
N ALA A 244 23.33 -3.49 -3.87
CA ALA A 244 22.89 -4.50 -2.93
C ALA A 244 22.34 -5.72 -3.67
N ASP A 245 22.22 -6.83 -2.93
CA ASP A 245 21.97 -8.12 -3.57
C ASP A 245 20.89 -8.94 -2.87
N VAL A 246 20.91 -8.99 -1.54
CA VAL A 246 19.94 -9.76 -0.77
C VAL A 246 19.02 -8.81 -0.02
N PHE A 247 17.72 -9.09 -0.06
CA PHE A 247 16.72 -8.22 0.53
C PHE A 247 15.67 -9.08 1.25
N ASP A 248 15.42 -8.76 2.51
CA ASP A 248 14.42 -9.46 3.31
C ASP A 248 13.56 -8.45 4.04
N GLY A 249 12.46 -8.92 4.60
CA GLY A 249 11.58 -8.07 5.36
C GLY A 249 10.27 -8.75 5.68
N LEU A 250 9.51 -8.11 6.56
CA LEU A 250 8.18 -8.57 6.94
C LEU A 250 7.09 -7.83 6.19
N THR A 251 7.46 -7.03 5.18
CA THR A 251 6.47 -6.21 4.48
C THR A 251 5.44 -7.08 3.77
N TRP A 252 5.83 -8.26 3.31
CA TRP A 252 4.91 -9.17 2.63
C TRP A 252 3.84 -9.73 3.56
N LEU A 253 4.00 -9.57 4.87
CA LEU A 253 3.02 -10.06 5.84
C LEU A 253 2.09 -8.98 6.36
N ARG A 254 2.41 -7.70 6.13
CA ARG A 254 1.55 -6.60 6.55
C ARG A 254 0.84 -5.92 5.39
N PHE A 255 1.49 -5.82 4.24
CA PHE A 255 0.97 -5.10 3.09
C PHE A 255 0.56 -6.07 1.98
N ALA A 256 0.34 -5.52 0.80
CA ALA A 256 0.03 -6.30 -0.39
C ALA A 256 0.69 -5.63 -1.57
N TYR A 257 1.48 -6.39 -2.33
CA TYR A 257 2.15 -5.86 -3.51
C TYR A 257 1.17 -5.86 -4.68
N TYR A 258 1.06 -4.73 -5.37
CA TYR A 258 0.03 -4.59 -6.40
C TYR A 258 0.45 -3.48 -7.37
N LYS A 259 0.70 -3.86 -8.62
CA LYS A 259 0.97 -2.93 -9.71
C LYS A 259 2.11 -1.97 -9.35
N GLY A 260 3.18 -2.53 -8.81
CA GLY A 260 4.34 -1.74 -8.45
C GLY A 260 4.22 -0.97 -7.16
N MET A 261 3.13 -1.16 -6.41
CA MET A 261 2.89 -0.44 -5.18
C MET A 261 2.73 -1.40 -4.01
N THR A 262 3.15 -0.94 -2.84
CA THR A 262 2.99 -1.68 -1.57
C THR A 262 1.80 -1.05 -0.85
N ILE A 263 0.66 -1.72 -0.87
CA ILE A 263 -0.62 -1.10 -0.55
C ILE A 263 -1.23 -1.74 0.69
N TYR A 264 -2.34 -1.13 1.13
CA TYR A 264 -3.13 -1.62 2.25
C TYR A 264 -3.93 -2.85 1.83
N ARG A 265 -3.94 -3.87 2.69
CA ARG A 265 -4.41 -5.19 2.27
C ARG A 265 -5.91 -5.19 1.95
N GLN A 266 -6.72 -4.47 2.73
CA GLN A 266 -8.16 -4.47 2.48
C GLN A 266 -8.48 -3.84 1.14
N ASN A 267 -7.65 -2.90 0.67
CA ASN A 267 -7.85 -2.35 -0.66
C ASN A 267 -7.44 -3.36 -1.72
N TYR A 268 -6.41 -4.15 -1.45
CA TYR A 268 -6.02 -5.22 -2.38
C TYR A 268 -7.12 -6.25 -2.52
N ALA A 269 -7.77 -6.61 -1.41
CA ALA A 269 -8.85 -7.58 -1.47
C ALA A 269 -10.05 -7.03 -2.23
N ALA A 270 -10.22 -5.71 -2.24
CA ALA A 270 -11.36 -5.10 -2.92
C ALA A 270 -11.11 -4.98 -4.42
N VAL A 271 -9.89 -4.58 -4.81
CA VAL A 271 -9.61 -4.28 -6.21
C VAL A 271 -9.09 -5.49 -6.98
N GLU A 272 -8.74 -6.57 -6.31
CA GLU A 272 -8.15 -7.72 -6.99
C GLU A 272 -8.85 -9.03 -6.62
N LEU A 273 -9.02 -9.27 -5.32
CA LEU A 273 -9.52 -10.56 -4.86
C LEU A 273 -11.03 -10.68 -4.95
N GLY A 274 -11.76 -9.59 -4.95
CA GLY A 274 -13.21 -9.66 -5.00
C GLY A 274 -13.82 -9.32 -3.66
N ILE A 275 -14.96 -8.63 -3.69
CA ILE A 275 -15.60 -8.16 -2.45
C ILE A 275 -16.32 -9.25 -1.69
N ASP A 276 -16.49 -10.44 -2.28
CA ASP A 276 -17.19 -11.53 -1.62
C ASP A 276 -16.26 -12.70 -1.28
N MET A 277 -14.96 -12.45 -1.29
CA MET A 277 -14.02 -13.51 -0.92
C MET A 277 -14.14 -13.82 0.57
N LYS A 278 -14.13 -15.12 0.89
CA LYS A 278 -14.26 -15.56 2.27
C LYS A 278 -13.13 -14.98 3.13
N ALA A 279 -13.53 -14.41 4.27
CA ALA A 279 -12.59 -13.65 5.09
C ALA A 279 -11.48 -14.51 5.69
N HIS A 280 -11.74 -15.79 5.94
CA HIS A 280 -10.73 -16.65 6.52
C HIS A 280 -9.65 -17.04 5.51
N LEU A 281 -9.77 -16.62 4.26
CA LEU A 281 -8.82 -16.94 3.21
C LEU A 281 -8.06 -15.73 2.68
N VAL A 282 -8.38 -14.52 3.17
CA VAL A 282 -7.80 -13.32 2.57
C VAL A 282 -6.34 -13.14 2.97
N ASP A 283 -6.04 -13.33 4.26
CA ASP A 283 -4.68 -13.10 4.73
C ASP A 283 -3.71 -14.11 4.13
N ALA A 284 -4.14 -15.37 3.97
CA ALA A 284 -3.27 -16.36 3.37
C ALA A 284 -3.13 -16.14 1.87
N LYS A 285 -4.20 -15.73 1.21
CA LYS A 285 -4.13 -15.41 -0.22
C LYS A 285 -3.22 -14.22 -0.46
N CYS A 286 -3.25 -13.22 0.42
CA CYS A 286 -2.34 -12.09 0.29
C CYS A 286 -0.90 -12.53 0.45
N CYS A 287 -0.62 -13.41 1.42
CA CYS A 287 0.74 -13.91 1.60
C CYS A 287 1.18 -14.72 0.40
N PHE A 288 0.29 -15.54 -0.16
CA PHE A 288 0.64 -16.35 -1.32
C PHE A 288 0.92 -15.47 -2.54
N ASP A 289 0.04 -14.50 -2.80
CA ASP A 289 0.26 -13.59 -3.92
C ASP A 289 1.49 -12.74 -3.73
N ASN A 290 1.80 -12.37 -2.47
CA ASN A 290 2.97 -11.52 -2.23
C ASN A 290 4.26 -12.26 -2.52
N TYR A 291 4.34 -13.56 -2.19
CA TYR A 291 5.55 -14.32 -2.49
C TYR A 291 5.76 -14.48 -3.98
N ARG A 292 4.68 -14.75 -4.73
CA ARG A 292 4.80 -14.84 -6.19
C ARG A 292 5.16 -13.49 -6.79
N TYR A 293 4.67 -12.41 -6.20
CA TYR A 293 5.07 -11.07 -6.64
C TYR A 293 6.55 -10.83 -6.37
N MET A 294 7.04 -11.31 -5.22
CA MET A 294 8.46 -11.16 -4.90
C MET A 294 9.34 -11.84 -5.95
N LYS A 295 8.93 -13.01 -6.41
CA LYS A 295 9.72 -13.73 -7.41
C LYS A 295 9.64 -13.07 -8.77
N GLY A 296 8.47 -12.52 -9.12
CA GLY A 296 8.35 -11.75 -10.34
C GLY A 296 9.22 -10.50 -10.31
N LEU A 297 9.23 -9.81 -9.17
CA LEU A 297 10.10 -8.64 -9.02
C LEU A 297 11.56 -9.06 -8.99
N GLU A 298 11.86 -10.21 -8.38
CA GLU A 298 13.22 -10.74 -8.38
C GLU A 298 13.69 -11.02 -9.80
N GLY A 299 12.80 -11.57 -10.64
CA GLY A 299 13.16 -11.83 -12.03
C GLY A 299 13.38 -10.55 -12.82
N GLU A 300 12.63 -9.49 -12.50
CA GLU A 300 12.86 -8.21 -13.17
C GLU A 300 14.23 -7.66 -12.83
N MET A 301 14.68 -7.87 -11.59
CA MET A 301 16.02 -7.42 -11.20
C MET A 301 17.09 -8.28 -11.84
N ARG A 302 16.84 -9.59 -11.97
CA ARG A 302 17.78 -10.45 -12.68
C ARG A 302 17.78 -10.20 -14.18
N GLY A 303 16.66 -9.70 -14.72
CA GLY A 303 16.60 -9.34 -16.13
C GLY A 303 17.20 -8.00 -16.47
N PHE A 304 17.34 -7.12 -15.47
CA PHE A 304 17.97 -5.82 -15.71
C PHE A 304 19.40 -5.96 -16.22
N LEU A 305 20.11 -7.01 -15.79
CA LEU A 305 21.48 -7.20 -16.24
C LEU A 305 21.56 -7.53 -17.72
N LYS A 306 20.49 -8.03 -18.31
CA LYS A 306 20.49 -8.43 -19.72
C LYS A 306 19.64 -7.52 -20.59
N GLU A 307 18.42 -7.19 -20.16
CA GLU A 307 17.50 -6.40 -20.96
C GLU A 307 17.52 -4.91 -20.63
N GLY A 308 18.22 -4.51 -19.58
CA GLY A 308 18.25 -3.12 -19.17
C GLY A 308 17.02 -2.74 -18.36
N PHE A 309 16.69 -1.44 -18.40
CA PHE A 309 15.58 -0.92 -17.61
C PHE A 309 14.22 -1.38 -18.12
N ALA A 310 14.15 -1.90 -19.35
CA ALA A 310 12.90 -2.44 -19.85
C ALA A 310 12.44 -3.65 -19.06
N SER A 311 13.35 -4.29 -18.31
CA SER A 311 12.99 -5.45 -17.52
C SER A 311 12.05 -5.09 -16.37
N PHE A 312 12.15 -3.86 -15.85
CA PHE A 312 11.28 -3.42 -14.77
C PHE A 312 9.92 -3.02 -15.33
N GLU A 313 8.86 -3.60 -14.76
CA GLU A 313 7.51 -3.32 -15.24
C GLU A 313 6.90 -2.08 -14.61
N HIS A 314 7.55 -1.47 -13.62
CA HIS A 314 6.99 -0.34 -12.91
C HIS A 314 8.10 0.61 -12.47
N HIS A 315 7.74 1.89 -12.34
CA HIS A 315 8.62 2.93 -11.82
C HIS A 315 9.91 3.07 -12.62
N ARG A 316 9.85 2.74 -13.92
CA ARG A 316 11.03 2.82 -14.77
C ARG A 316 11.63 4.22 -14.83
N PRO A 317 10.85 5.31 -15.01
CA PRO A 317 11.48 6.63 -14.99
C PRO A 317 12.17 6.95 -13.68
N LEU A 318 11.56 6.58 -12.54
CA LEU A 318 12.16 6.84 -11.24
C LEU A 318 13.45 6.03 -11.04
N LEU A 319 13.44 4.76 -11.43
CA LEU A 319 14.62 3.93 -11.26
C LEU A 319 15.79 4.46 -12.07
N GLU A 320 15.52 4.96 -13.26
CA GLU A 320 16.62 5.46 -14.07
C GLU A 320 17.12 6.81 -13.57
N ARG A 321 16.20 7.69 -13.13
CA ARG A 321 16.58 9.00 -12.62
C ARG A 321 17.44 8.88 -11.37
N ALA A 322 17.03 8.03 -10.43
CA ALA A 322 17.80 7.85 -9.21
C ALA A 322 19.14 7.19 -9.48
N CYS A 323 19.18 6.24 -10.43
CA CYS A 323 20.43 5.58 -10.77
C CYS A 323 21.44 6.57 -11.34
N ARG A 324 20.95 7.54 -12.13
CA ARG A 324 21.85 8.56 -12.68
C ARG A 324 22.31 9.51 -11.59
N ALA A 325 21.40 9.90 -10.70
CA ALA A 325 21.70 10.94 -9.73
C ALA A 325 22.68 10.45 -8.66
N VAL A 326 22.53 9.20 -8.21
CA VAL A 326 23.38 8.70 -7.13
C VAL A 326 24.67 8.05 -7.61
N LEU A 327 24.78 7.74 -8.90
CA LEU A 327 26.03 7.20 -9.43
C LEU A 327 26.87 8.32 -10.05
N MET B 1 -31.30 6.19 -4.90
CA MET B 1 -29.98 5.68 -4.55
C MET B 1 -29.73 5.76 -3.04
N LEU B 2 -28.90 4.83 -2.55
CA LEU B 2 -28.60 4.74 -1.12
C LEU B 2 -27.80 5.94 -0.63
N ALA B 3 -27.06 6.61 -1.51
CA ALA B 3 -26.25 7.75 -1.14
C ALA B 3 -27.06 9.03 -1.21
N LYS B 4 -26.96 9.85 -0.15
CA LYS B 4 -27.68 11.11 -0.04
C LYS B 4 -26.89 12.05 0.85
N ARG B 5 -27.16 13.35 0.70
CA ARG B 5 -26.57 14.35 1.56
C ARG B 5 -27.30 14.35 2.90
N ARG B 6 -26.57 13.97 3.97
CA ARG B 6 -27.16 13.91 5.31
C ARG B 6 -26.30 14.72 6.28
N GLY B 7 -26.58 14.61 7.57
CA GLY B 7 -25.75 15.29 8.55
C GLY B 7 -26.46 15.45 9.88
N PHE B 8 -25.85 16.28 10.71
CA PHE B 8 -26.37 16.60 12.04
C PHE B 8 -27.08 17.94 11.97
N TYR B 9 -28.36 17.96 12.36
CA TYR B 9 -29.23 19.11 12.16
C TYR B 9 -29.66 19.71 13.49
N LEU B 10 -29.66 21.04 13.53
CA LEU B 10 -30.20 21.80 14.66
C LEU B 10 -31.32 22.70 14.15
N ASP B 11 -32.54 22.45 14.62
CA ASP B 11 -33.72 23.19 14.19
C ASP B 11 -33.90 23.12 12.68
N GLY B 12 -33.62 21.95 12.11
CA GLY B 12 -33.74 21.76 10.68
C GLY B 12 -32.60 22.33 9.86
N ASN B 13 -31.61 22.95 10.51
CA ASN B 13 -30.48 23.54 9.81
C ASN B 13 -29.26 22.63 9.91
N GLU B 14 -28.52 22.52 8.82
CA GLU B 14 -27.39 21.61 8.74
C GLU B 14 -26.19 22.20 9.48
N ILE B 15 -25.76 21.54 10.54
CA ILE B 15 -24.60 21.96 11.32
C ILE B 15 -23.35 21.22 10.88
N ILE B 16 -23.44 19.90 10.74
CA ILE B 16 -22.36 19.07 10.23
C ILE B 16 -22.89 18.37 8.98
N ARG B 17 -22.10 18.39 7.91
CA ARG B 17 -22.53 17.91 6.60
C ARG B 17 -21.83 16.60 6.26
N THR B 18 -22.60 15.66 5.71
CA THR B 18 -22.07 14.39 5.22
C THR B 18 -22.27 14.32 3.70
N PRO B 19 -21.41 13.58 2.97
CA PRO B 19 -20.31 12.72 3.40
C PRO B 19 -19.19 13.45 4.12
N LEU B 20 -18.74 12.90 5.25
CA LEU B 20 -17.68 13.51 6.05
C LEU B 20 -16.57 12.49 6.25
N LEU B 21 -15.35 12.87 5.93
CA LEU B 21 -14.17 12.06 6.21
C LEU B 21 -13.48 12.65 7.43
N LEU B 22 -13.42 11.87 8.51
CA LEU B 22 -13.01 12.38 9.80
C LEU B 22 -11.59 11.93 10.11
N PRO B 23 -10.63 12.84 10.22
CA PRO B 23 -9.31 12.45 10.71
C PRO B 23 -9.36 12.15 12.20
N SER B 24 -8.88 10.97 12.58
CA SER B 24 -8.98 10.50 13.94
C SER B 24 -7.61 10.57 14.62
N PHE B 25 -7.63 10.87 15.92
CA PHE B 25 -6.44 10.87 16.75
C PHE B 25 -6.62 9.86 17.87
N SER B 26 -5.56 9.14 18.19
CA SER B 26 -5.60 8.14 19.23
C SER B 26 -4.20 7.90 19.78
N SER B 27 -4.13 7.57 21.06
CA SER B 27 -2.86 7.24 21.69
C SER B 27 -2.41 5.81 21.40
N LYS B 28 -3.36 4.92 21.10
CA LYS B 28 -3.03 3.52 20.82
C LYS B 28 -2.24 3.43 19.52
N GLY B 29 -0.97 3.06 19.61
CA GLY B 29 -0.08 3.02 18.47
C GLY B 29 0.62 4.33 18.18
N PHE B 30 0.21 5.42 18.81
CA PHE B 30 0.75 6.75 18.57
C PHE B 30 1.02 7.37 19.94
N PRO B 31 2.19 7.11 20.53
CA PRO B 31 2.47 7.67 21.86
C PRO B 31 2.73 9.17 21.86
N GLU B 32 3.07 9.76 20.72
CA GLU B 32 3.22 11.21 20.61
C GLU B 32 2.03 11.84 19.90
N VAL B 33 0.82 11.38 20.22
CA VAL B 33 -0.38 11.82 19.51
C VAL B 33 -0.59 13.33 19.69
N GLN B 34 -0.24 13.85 20.87
CA GLN B 34 -0.37 15.29 21.11
C GLN B 34 0.52 16.07 20.15
N GLU B 35 1.72 15.55 19.86
CA GLU B 35 2.60 16.19 18.90
C GLU B 35 2.00 16.16 17.50
N ILE B 36 1.23 15.13 17.18
CA ILE B 36 0.57 15.05 15.87
C ILE B 36 -0.59 16.03 15.80
N ILE B 37 -1.35 16.16 16.88
CA ILE B 37 -2.48 17.08 16.89
C ILE B 37 -2.01 18.52 16.69
N GLU B 38 -0.89 18.89 17.31
CA GLU B 38 -0.41 20.26 17.20
C GLU B 38 0.07 20.57 15.79
N ALA B 39 0.73 19.61 15.13
CA ALA B 39 1.24 19.85 13.80
C ALA B 39 0.12 19.85 12.76
N THR B 40 -0.77 18.86 12.83
CA THR B 40 -1.85 18.77 11.85
C THR B 40 -2.93 19.81 12.06
N SER B 41 -2.98 20.47 13.23
CA SER B 41 -3.97 21.51 13.46
C SER B 41 -3.76 22.70 12.54
N ASP B 42 -2.55 22.90 12.01
CA ASP B 42 -2.29 23.99 11.09
C ASP B 42 -2.86 23.74 9.70
N VAL B 43 -3.34 22.52 9.43
CA VAL B 43 -3.96 22.22 8.14
C VAL B 43 -5.38 21.70 8.27
N ILE B 44 -5.80 21.23 9.45
CA ILE B 44 -7.15 20.69 9.63
C ILE B 44 -8.11 21.85 9.81
N ASP B 45 -8.97 22.07 8.82
CA ASP B 45 -10.01 23.08 8.90
C ASP B 45 -11.37 22.51 9.28
N GLY B 46 -11.60 21.23 9.02
CA GLY B 46 -12.87 20.60 9.29
C GLY B 46 -12.89 19.86 10.60
N PRO B 47 -13.86 18.97 10.77
CA PRO B 47 -13.97 18.23 12.03
C PRO B 47 -12.89 17.16 12.15
N CYS B 48 -12.65 16.74 13.39
CA CYS B 48 -11.75 15.64 13.68
C CYS B 48 -12.31 14.86 14.86
N LEU B 49 -11.73 13.69 15.12
CA LEU B 49 -12.21 12.78 16.15
C LEU B 49 -11.11 12.58 17.19
N ILE B 50 -11.48 12.70 18.46
CA ILE B 50 -10.60 12.39 19.57
C ILE B 50 -11.31 11.40 20.48
N SER B 51 -10.62 10.98 21.53
CA SER B 51 -11.13 9.95 22.44
C SER B 51 -11.20 10.48 23.87
N ALA B 52 -12.31 10.18 24.55
CA ALA B 52 -12.45 10.53 25.95
C ALA B 52 -11.45 9.78 26.81
N TYR B 53 -11.05 8.58 26.37
CA TYR B 53 -10.00 7.83 27.06
C TYR B 53 -8.70 8.65 27.12
N ASP B 54 -8.31 9.24 25.98
CA ASP B 54 -7.08 10.03 25.95
C ASP B 54 -7.24 11.34 26.71
N LEU B 55 -8.45 11.92 26.69
CA LEU B 55 -8.72 13.11 27.49
C LEU B 55 -8.56 12.82 28.98
N HIS B 56 -8.98 11.63 29.42
CA HIS B 56 -8.95 11.30 30.83
C HIS B 56 -7.53 11.03 31.32
N TYR B 57 -6.73 10.34 30.50
CA TYR B 57 -5.37 9.98 30.88
C TYR B 57 -4.33 11.01 30.44
N GLY B 58 -4.76 12.12 29.84
CA GLY B 58 -3.84 13.18 29.50
C GLY B 58 -2.98 12.91 28.29
N SER B 59 -3.31 11.89 27.48
CA SER B 59 -2.54 11.64 26.27
C SER B 59 -2.66 12.79 25.28
N ILE B 60 -3.81 13.45 25.23
CA ILE B 60 -4.04 14.57 24.34
C ILE B 60 -4.41 15.79 25.18
N LYS B 61 -3.84 16.96 24.85
CA LYS B 61 -4.11 18.14 25.71
C LYS B 61 -4.84 19.24 24.92
N GLY B 62 -4.57 19.37 23.63
CA GLY B 62 -5.21 20.42 22.85
C GLY B 62 -4.38 21.68 22.82
N PRO B 63 -4.94 22.86 22.46
CA PRO B 63 -6.41 23.12 22.39
C PRO B 63 -7.06 22.52 21.14
N TYR B 64 -8.38 22.31 21.17
CA TYR B 64 -9.09 21.63 20.06
C TYR B 64 -10.00 22.57 19.30
N ASP B 65 -9.74 23.87 19.33
CA ASP B 65 -10.66 24.85 18.68
C ASP B 65 -10.33 24.96 17.20
N PHE B 66 -9.23 24.34 16.77
CA PHE B 66 -8.80 24.42 15.35
C PHE B 66 -9.81 23.75 14.45
N ALA B 67 -10.53 22.78 14.98
CA ALA B 67 -11.42 21.99 14.15
C ALA B 67 -12.79 22.66 14.04
N GLN B 68 -13.50 22.32 12.96
CA GLN B 68 -14.87 22.82 12.79
C GLN B 68 -15.80 22.21 13.82
N ALA B 69 -15.63 20.92 14.11
CA ALA B 69 -16.38 20.24 15.15
C ALA B 69 -15.48 19.17 15.75
N ILE B 70 -15.91 18.63 16.89
CA ILE B 70 -15.15 17.61 17.59
C ILE B 70 -16.06 16.40 17.82
N PHE B 71 -15.61 15.24 17.36
CA PHE B 71 -16.27 13.97 17.67
C PHE B 71 -15.54 13.36 18.87
N ILE B 72 -16.21 13.29 20.00
CA ILE B 72 -15.65 12.69 21.20
C ILE B 72 -15.99 11.21 21.16
N ASP B 73 -15.01 10.38 20.82
CA ASP B 73 -15.20 8.95 20.88
C ASP B 73 -15.17 8.50 22.34
N SER B 74 -15.97 7.47 22.64
CA SER B 74 -16.15 7.06 24.03
C SER B 74 -14.84 6.59 24.65
N GLY B 75 -14.02 5.89 23.88
CA GLY B 75 -12.79 5.33 24.42
C GLY B 75 -12.78 3.81 24.31
N GLY B 76 -13.79 3.26 23.65
CA GLY B 76 -13.85 1.82 23.45
C GLY B 76 -12.77 1.27 22.54
N TYR B 77 -12.18 2.13 21.71
CA TYR B 77 -11.04 1.70 20.89
C TYR B 77 -9.79 1.54 21.75
N GLU B 78 -9.44 2.58 22.52
CA GLU B 78 -8.24 2.54 23.33
C GLU B 78 -8.36 1.51 24.45
N ALA B 79 -9.57 1.21 24.90
CA ALA B 79 -9.80 0.24 25.96
C ALA B 79 -9.85 -1.20 25.47
N SER B 80 -9.52 -1.44 24.20
CA SER B 80 -9.68 -2.76 23.59
C SER B 80 -8.37 -3.22 22.99
N LYS B 81 -8.02 -4.49 23.23
CA LYS B 81 -6.97 -5.14 22.47
C LYS B 81 -7.40 -5.40 21.04
N ASP B 82 -8.70 -5.41 20.78
CA ASP B 82 -9.22 -5.54 19.42
C ASP B 82 -8.81 -4.34 18.58
N VAL B 83 -8.56 -4.59 17.29
CA VAL B 83 -8.10 -3.56 16.39
C VAL B 83 -9.05 -3.48 15.20
N GLU B 84 -8.80 -2.53 14.29
CA GLU B 84 -9.61 -2.36 13.10
C GLU B 84 -8.95 -3.07 11.92
N LEU B 85 -9.58 -2.96 10.75
CA LEU B 85 -9.02 -3.59 9.56
C LEU B 85 -7.76 -2.89 9.06
N SER B 86 -7.52 -1.65 9.47
CA SER B 86 -6.38 -0.89 8.97
C SER B 86 -5.20 -0.90 9.95
N ASP B 87 -5.30 -1.62 11.06
CA ASP B 87 -4.18 -1.75 11.98
C ASP B 87 -3.16 -2.74 11.44
N LEU B 88 -1.89 -2.35 11.44
CA LEU B 88 -0.80 -3.20 10.99
C LEU B 88 0.20 -3.45 12.13
N GLY B 89 -0.33 -3.77 13.30
CA GLY B 89 0.49 -3.98 14.48
C GLY B 89 1.43 -5.16 14.37
N PRO B 95 -4.23 -1.92 27.48
CA PRO B 95 -5.35 -1.03 27.84
C PRO B 95 -5.49 -0.87 29.35
N ALA B 96 -5.76 0.36 29.79
CA ALA B 96 -6.00 0.65 31.20
C ALA B 96 -7.49 0.52 31.51
N GLU B 97 -7.87 0.85 32.74
CA GLU B 97 -9.26 0.74 33.18
C GLU B 97 -10.07 1.91 32.65
N TRP B 98 -11.25 1.62 32.09
CA TRP B 98 -12.13 2.64 31.51
C TRP B 98 -13.57 2.33 31.92
N SER B 99 -13.98 2.83 33.08
CA SER B 99 -15.31 2.58 33.59
C SER B 99 -16.34 3.52 32.97
N GLN B 100 -17.61 3.22 33.19
CA GLN B 100 -18.69 4.09 32.71
C GLN B 100 -18.65 5.45 33.40
N ASP B 101 -18.27 5.48 34.68
CA ASP B 101 -18.22 6.75 35.40
C ASP B 101 -17.09 7.63 34.89
N ASP B 102 -15.94 7.02 34.55
CA ASP B 102 -14.86 7.79 33.94
C ASP B 102 -15.30 8.41 32.63
N PHE B 103 -16.11 7.67 31.86
CA PHE B 103 -16.63 8.19 30.60
C PHE B 103 -17.63 9.31 30.84
N SER B 104 -18.45 9.19 31.89
CA SER B 104 -19.46 10.21 32.15
C SER B 104 -18.85 11.51 32.64
N ARG B 105 -17.73 11.44 33.39
CA ARG B 105 -17.11 12.66 33.89
C ARG B 105 -16.43 13.45 32.78
N ILE B 106 -15.87 12.76 31.78
CA ILE B 106 -15.19 13.46 30.69
C ILE B 106 -16.22 14.20 29.83
N ILE B 107 -17.25 13.49 29.38
CA ILE B 107 -18.27 14.10 28.54
C ILE B 107 -19.15 15.06 29.33
N GLY B 108 -19.19 14.93 30.66
CA GLY B 108 -19.98 15.82 31.48
C GLY B 108 -19.39 17.20 31.65
N SER B 109 -18.05 17.28 31.73
CA SER B 109 -17.35 18.55 31.90
C SER B 109 -16.84 19.13 30.59
N TRP B 110 -17.10 18.48 29.46
CA TRP B 110 -16.59 18.95 28.18
C TRP B 110 -17.32 20.22 27.73
N GLN B 111 -16.54 21.24 27.39
CA GLN B 111 -17.06 22.48 26.81
C GLN B 111 -16.22 22.83 25.58
N SER B 112 -16.90 23.24 24.51
CA SER B 112 -16.23 23.57 23.27
C SER B 112 -17.01 24.68 22.58
N PRO B 113 -16.33 25.68 22.01
CA PRO B 113 -17.06 26.71 21.25
C PRO B 113 -17.60 26.21 19.93
N THR B 114 -17.12 25.07 19.44
CA THR B 114 -17.56 24.43 18.21
C THR B 114 -18.53 23.31 18.51
N PRO B 115 -19.31 22.87 17.53
CA PRO B 115 -20.24 21.75 17.77
C PRO B 115 -19.51 20.49 18.20
N THR B 116 -20.19 19.70 19.04
CA THR B 116 -19.63 18.48 19.60
C THR B 116 -20.58 17.33 19.37
N VAL B 117 -20.03 16.18 18.98
CA VAL B 117 -20.79 14.94 18.83
C VAL B 117 -20.24 13.93 19.83
N LEU B 118 -21.10 13.44 20.70
CA LEU B 118 -20.70 12.49 21.74
C LEU B 118 -21.12 11.08 21.34
N VAL B 119 -20.20 10.14 21.48
CA VAL B 119 -20.42 8.75 21.11
C VAL B 119 -20.72 7.94 22.36
N SER B 120 -21.60 6.94 22.21
CA SER B 120 -22.01 6.12 23.34
C SER B 120 -20.86 5.27 23.85
N TYR B 121 -20.94 4.94 25.14
CA TYR B 121 -19.86 4.19 25.80
C TYR B 121 -19.88 2.73 25.36
N ASP B 122 -18.69 2.16 25.21
CA ASP B 122 -18.56 0.74 24.92
C ASP B 122 -17.23 0.24 25.48
N HIS B 123 -17.24 -0.99 25.99
CA HIS B 123 -16.07 -1.65 26.55
C HIS B 123 -16.13 -3.11 26.12
N PRO B 124 -14.99 -3.74 25.84
CA PRO B 124 -15.01 -5.15 25.39
C PRO B 124 -15.67 -6.10 26.36
N LYS B 125 -15.70 -5.79 27.66
CA LYS B 125 -16.34 -6.64 28.66
C LYS B 125 -17.69 -6.13 29.12
N ASP B 126 -18.14 -4.97 28.64
CA ASP B 126 -19.39 -4.36 29.07
C ASP B 126 -20.31 -4.26 27.87
N ARG B 127 -20.84 -5.41 27.44
CA ARG B 127 -21.74 -5.50 26.31
C ARG B 127 -23.14 -5.88 26.76
N LEU B 128 -24.13 -5.45 25.98
CA LEU B 128 -25.53 -5.62 26.29
C LEU B 128 -26.27 -6.04 25.04
N PRO B 129 -27.49 -6.56 25.17
CA PRO B 129 -28.34 -6.75 24.00
C PRO B 129 -28.57 -5.42 23.28
N THR B 130 -28.96 -5.53 22.01
CA THR B 130 -29.03 -4.35 21.15
C THR B 130 -29.97 -3.29 21.72
N ARG B 131 -31.15 -3.71 22.20
CA ARG B 131 -32.07 -2.74 22.79
C ARG B 131 -31.50 -2.12 24.05
N ALA B 132 -30.81 -2.91 24.87
CA ALA B 132 -30.19 -2.36 26.07
C ALA B 132 -29.09 -1.36 25.71
N GLN B 133 -28.43 -1.55 24.57
CA GLN B 133 -27.46 -0.57 24.10
C GLN B 133 -28.12 0.75 23.75
N ILE B 134 -29.31 0.69 23.13
CA ILE B 134 -30.03 1.90 22.78
C ILE B 134 -30.49 2.64 24.03
N GLU B 135 -30.97 1.90 25.03
CA GLU B 135 -31.44 2.53 26.27
C GLU B 135 -30.27 3.06 27.10
N ARG B 136 -29.15 2.34 27.11
CA ARG B 136 -27.99 2.83 27.86
C ARG B 136 -27.44 4.11 27.25
N ALA B 137 -27.40 4.17 25.91
CA ALA B 137 -26.87 5.35 25.24
C ALA B 137 -27.80 6.54 25.41
N ASP B 138 -29.11 6.31 25.45
CA ASP B 138 -30.07 7.38 25.66
C ASP B 138 -30.00 7.94 27.07
N ALA B 139 -29.48 7.17 28.03
CA ALA B 139 -29.39 7.62 29.42
C ALA B 139 -28.04 8.25 29.75
N MET B 140 -26.96 7.78 29.14
CA MET B 140 -25.63 8.28 29.43
C MET B 140 -25.27 9.52 28.61
N LEU B 141 -25.63 9.54 27.34
CA LEU B 141 -25.33 10.69 26.49
C LEU B 141 -26.16 11.88 26.95
N PRO B 142 -25.55 13.00 27.34
CA PRO B 142 -26.33 14.11 27.87
C PRO B 142 -27.05 14.86 26.77
N LYS B 143 -28.26 15.33 27.09
CA LYS B 143 -29.07 16.12 26.16
C LYS B 143 -28.80 17.59 26.44
N ARG B 144 -27.81 18.15 25.75
CA ARG B 144 -27.33 19.50 25.99
C ARG B 144 -27.30 20.29 24.70
N PRO B 145 -27.33 21.61 24.78
CA PRO B 145 -27.14 22.44 23.58
C PRO B 145 -25.72 22.31 23.04
N HIS B 146 -25.60 22.52 21.73
CA HIS B 146 -24.33 22.43 21.01
C HIS B 146 -23.70 21.03 21.12
N THR B 147 -24.52 20.02 21.41
CA THR B 147 -24.02 18.66 21.61
C THR B 147 -24.93 17.69 20.88
N PHE B 148 -24.35 16.91 19.97
CA PHE B 148 -25.07 15.84 19.30
C PHE B 148 -24.77 14.50 19.97
N ARG B 149 -25.70 13.57 19.79
CA ARG B 149 -25.66 12.27 20.45
C ARG B 149 -25.64 11.18 19.38
N GLU B 150 -24.62 10.32 19.44
CA GLU B 150 -24.44 9.25 18.45
C GLU B 150 -24.18 7.94 19.17
N ILE B 151 -24.94 6.92 18.79
CA ILE B 151 -24.84 5.60 19.40
C ILE B 151 -24.04 4.68 18.48
N LEU B 152 -22.96 4.13 19.01
CA LEU B 152 -22.16 3.14 18.29
C LEU B 152 -22.62 1.75 18.74
N PHE B 153 -23.30 1.04 17.85
CA PHE B 153 -23.70 -0.33 18.16
C PHE B 153 -22.47 -1.24 18.22
N LYS B 154 -22.51 -2.18 19.15
CA LYS B 154 -21.45 -3.15 19.37
C LYS B 154 -22.04 -4.53 19.45
N PRO B 155 -21.21 -5.57 19.33
CA PRO B 155 -21.73 -6.94 19.51
C PRO B 155 -22.36 -7.12 20.88
N GLU B 156 -23.20 -8.15 20.97
CA GLU B 156 -24.01 -8.35 22.17
C GLU B 156 -23.37 -9.27 23.21
N ARG B 157 -22.33 -10.01 22.85
CA ARG B 157 -21.73 -10.96 23.78
C ARG B 157 -20.23 -10.72 23.90
N VAL B 158 -19.74 -10.81 25.14
CA VAL B 158 -18.31 -10.65 25.42
C VAL B 158 -17.54 -11.86 24.90
N ALA B 159 -16.26 -11.63 24.59
CA ALA B 159 -15.40 -12.67 24.05
C ALA B 159 -15.33 -13.88 24.98
N THR B 160 -15.32 -15.07 24.38
CA THR B 160 -15.27 -16.31 25.16
C THR B 160 -13.87 -16.61 25.65
N GLY B 161 -12.84 -16.23 24.88
CA GLY B 161 -11.46 -16.48 25.24
C GLY B 161 -10.84 -17.72 24.63
N GLY B 162 -11.55 -18.43 23.76
CA GLY B 162 -11.02 -19.61 23.11
C GLY B 162 -10.29 -19.27 21.82
N THR B 163 -10.07 -20.29 21.02
CA THR B 163 -9.40 -20.10 19.72
C THR B 163 -10.34 -19.44 18.71
N SER B 164 -11.63 -19.75 18.76
CA SER B 164 -12.61 -19.14 17.90
C SER B 164 -13.63 -18.37 18.73
N GLU B 165 -14.28 -17.40 18.08
CA GLU B 165 -15.32 -16.59 18.71
C GLU B 165 -16.59 -16.63 17.87
N PRO B 166 -17.74 -16.77 18.50
CA PRO B 166 -19.01 -16.85 17.75
C PRO B 166 -19.37 -15.51 17.12
N PRO B 167 -20.29 -15.50 16.15
CA PRO B 167 -20.69 -14.22 15.54
C PRO B 167 -21.31 -13.23 16.52
N GLU B 168 -21.89 -13.70 17.62
CA GLU B 168 -22.43 -12.81 18.64
C GLU B 168 -21.33 -12.02 19.35
N VAL B 169 -20.06 -12.38 19.15
CA VAL B 169 -18.93 -11.67 19.73
C VAL B 169 -18.26 -10.82 18.66
N THR B 170 -18.23 -11.33 17.43
CA THR B 170 -17.46 -10.70 16.37
C THR B 170 -18.28 -9.74 15.51
N ARG B 171 -19.61 -9.83 15.53
CA ARG B 171 -20.45 -9.03 14.67
C ARG B 171 -21.56 -8.38 15.48
N VAL B 172 -22.02 -7.22 15.01
CA VAL B 172 -23.19 -6.60 15.60
C VAL B 172 -24.45 -7.26 15.05
N ASN B 173 -25.54 -7.14 15.83
CA ASN B 173 -26.81 -7.77 15.46
C ASN B 173 -27.56 -6.79 14.56
N VAL B 174 -27.34 -6.93 13.25
CA VAL B 174 -27.99 -6.05 12.28
C VAL B 174 -29.51 -6.24 12.31
N SER B 175 -29.96 -7.48 12.47
CA SER B 175 -31.39 -7.74 12.51
C SER B 175 -32.04 -7.06 13.71
N ALA B 176 -31.34 -7.00 14.84
CA ALA B 176 -31.87 -6.31 16.00
C ALA B 176 -31.83 -4.79 15.82
N ILE B 177 -30.85 -4.29 15.07
CA ILE B 177 -30.81 -2.86 14.75
C ILE B 177 -31.98 -2.47 13.87
N VAL B 178 -32.30 -3.31 12.88
CA VAL B 178 -33.43 -3.01 11.98
C VAL B 178 -34.74 -3.13 12.74
N ASP B 179 -34.85 -4.09 13.66
CA ASP B 179 -36.08 -4.26 14.43
C ASP B 179 -36.33 -3.06 15.33
N ASN B 180 -35.29 -2.59 16.02
CA ASN B 180 -35.40 -1.42 16.90
C ASN B 180 -34.96 -0.14 16.20
N ILE B 181 -35.22 -0.02 14.90
CA ILE B 181 -34.76 1.14 14.15
C ILE B 181 -35.61 2.38 14.45
N GLY B 182 -36.85 2.20 14.92
CA GLY B 182 -37.66 3.36 15.27
C GLY B 182 -37.15 4.10 16.49
N MET B 183 -36.42 3.40 17.37
CA MET B 183 -35.82 4.02 18.54
C MET B 183 -34.63 4.89 18.20
N MET B 184 -34.22 4.95 16.93
CA MET B 184 -33.09 5.78 16.52
C MET B 184 -33.43 7.26 16.47
N ALA B 185 -34.71 7.62 16.56
CA ALA B 185 -35.08 9.04 16.55
C ALA B 185 -34.56 9.77 17.79
N ARG B 186 -34.28 9.05 18.87
CA ARG B 186 -33.73 9.67 20.08
C ARG B 186 -32.31 10.18 19.88
N PHE B 187 -31.60 9.67 18.88
CA PHE B 187 -30.20 10.02 18.65
C PHE B 187 -30.06 10.85 17.38
N ASP B 188 -28.85 11.37 17.19
CA ASP B 188 -28.53 12.16 16.00
C ASP B 188 -27.86 11.35 14.91
N ALA B 189 -27.16 10.26 15.26
CA ALA B 189 -26.46 9.46 14.26
C ALA B 189 -26.35 8.03 14.76
N LEU B 190 -26.21 7.12 13.80
CA LEU B 190 -26.02 5.70 14.08
C LEU B 190 -24.58 5.32 13.76
N GLY B 191 -24.01 4.45 14.58
CA GLY B 191 -22.61 4.07 14.44
C GLY B 191 -22.42 2.57 14.43
N ILE B 192 -21.50 2.11 13.60
CA ILE B 192 -21.13 0.70 13.52
C ILE B 192 -19.66 0.61 13.13
N THR B 193 -18.95 -0.33 13.76
CA THR B 193 -17.56 -0.57 13.41
C THR B 193 -17.48 -1.31 12.07
N GLU B 194 -16.41 -1.01 11.31
CA GLU B 194 -16.19 -1.69 10.04
C GLU B 194 -16.03 -3.19 10.24
N LYS B 195 -15.14 -3.60 11.16
CA LYS B 195 -14.87 -5.01 11.34
C LYS B 195 -16.08 -5.77 11.86
N GLU B 196 -16.99 -5.10 12.57
CA GLU B 196 -18.09 -5.78 13.24
C GLU B 196 -19.40 -5.72 12.48
N VAL B 197 -19.47 -4.97 11.38
CA VAL B 197 -20.70 -4.93 10.58
C VAL B 197 -20.70 -5.97 9.46
N GLY B 198 -19.64 -6.76 9.35
CA GLY B 198 -19.60 -7.82 8.36
C GLY B 198 -18.25 -8.49 8.34
N GLY B 199 -18.20 -9.61 7.63
CA GLY B 199 -16.98 -10.39 7.54
C GLY B 199 -16.08 -9.97 6.39
N ASN B 200 -16.69 -9.69 5.23
CA ASN B 200 -15.94 -9.20 4.08
C ASN B 200 -16.56 -7.91 3.56
N LEU B 201 -16.08 -7.42 2.42
CA LEU B 201 -16.55 -6.13 1.90
C LEU B 201 -18.00 -6.20 1.48
N LYS B 202 -18.41 -7.27 0.80
CA LYS B 202 -19.78 -7.36 0.33
C LYS B 202 -20.75 -7.41 1.49
N GLU B 203 -20.45 -8.22 2.52
CA GLU B 203 -21.34 -8.32 3.67
C GLU B 203 -21.43 -7.00 4.42
N ARG B 204 -20.33 -6.26 4.50
CA ARG B 204 -20.37 -4.96 5.15
C ARG B 204 -21.22 -3.96 4.35
N MET B 205 -21.18 -4.04 3.03
CA MET B 205 -21.97 -3.13 2.21
C MET B 205 -23.45 -3.45 2.28
N VAL B 206 -23.81 -4.74 2.26
CA VAL B 206 -25.23 -5.11 2.30
C VAL B 206 -25.83 -4.76 3.65
N ASN B 207 -25.09 -4.99 4.74
CA ASN B 207 -25.62 -4.71 6.07
C ASN B 207 -25.74 -3.22 6.32
N ILE B 208 -24.83 -2.41 5.75
CA ILE B 208 -25.02 -0.96 5.79
C ILE B 208 -26.27 -0.57 5.01
N ALA B 209 -26.48 -1.18 3.85
CA ALA B 209 -27.68 -0.91 3.07
C ALA B 209 -28.94 -1.35 3.80
N ARG B 210 -28.86 -2.45 4.56
CA ARG B 210 -30.01 -2.87 5.36
C ARG B 210 -30.36 -1.84 6.41
N ILE B 211 -29.35 -1.29 7.09
CA ILE B 211 -29.59 -0.26 8.10
C ILE B 211 -30.10 1.01 7.46
N ARG B 212 -29.57 1.36 6.27
CA ARG B 212 -30.00 2.58 5.60
C ARG B 212 -31.46 2.49 5.17
N ARG B 213 -31.85 1.36 4.54
CA ARG B 213 -33.25 1.20 4.14
C ARG B 213 -34.17 1.18 5.35
N ALA B 214 -33.71 0.65 6.48
CA ALA B 214 -34.53 0.66 7.69
C ALA B 214 -34.70 2.08 8.23
N LEU B 215 -33.62 2.88 8.21
CA LEU B 215 -33.72 4.27 8.64
C LEU B 215 -34.63 5.07 7.72
N ASP B 216 -34.54 4.82 6.41
CA ASP B 216 -35.39 5.53 5.45
C ASP B 216 -36.86 5.15 5.60
N LYS B 217 -37.16 3.99 6.19
CA LYS B 217 -38.54 3.60 6.40
C LYS B 217 -39.18 4.35 7.56
N VAL B 218 -38.41 4.67 8.59
CA VAL B 218 -38.94 5.40 9.74
C VAL B 218 -38.70 6.89 9.54
N LYS B 219 -38.57 7.31 8.28
CA LYS B 219 -38.43 8.72 7.91
C LYS B 219 -37.22 9.37 8.57
N LEU B 220 -36.13 8.61 8.69
CA LEU B 220 -34.86 9.15 9.13
C LEU B 220 -33.91 9.18 7.94
N THR B 221 -34.37 9.74 6.82
CA THR B 221 -33.62 9.70 5.57
C THR B 221 -32.35 10.55 5.60
N ARG B 222 -32.21 11.45 6.57
CA ARG B 222 -31.04 12.31 6.68
C ARG B 222 -30.20 12.03 7.92
N MET B 223 -30.44 10.89 8.59
CA MET B 223 -29.66 10.52 9.75
C MET B 223 -28.38 9.83 9.31
N PRO B 224 -27.21 10.30 9.75
CA PRO B 224 -25.96 9.72 9.26
C PRO B 224 -25.66 8.35 9.87
N ILE B 225 -24.96 7.54 9.08
CA ILE B 225 -24.40 6.26 9.54
C ILE B 225 -22.90 6.43 9.59
N HIS B 226 -22.30 6.17 10.75
CA HIS B 226 -20.88 6.35 10.98
C HIS B 226 -20.20 4.98 11.02
N VAL B 227 -19.28 4.75 10.10
CA VAL B 227 -18.51 3.51 10.04
C VAL B 227 -17.17 3.79 10.72
N PHE B 228 -17.02 3.30 11.95
CA PHE B 228 -15.80 3.52 12.71
C PHE B 228 -14.69 2.63 12.17
N GLY B 229 -13.54 3.24 11.86
CA GLY B 229 -12.39 2.52 11.37
C GLY B 229 -12.17 2.59 9.88
N SER B 230 -13.20 2.94 9.12
CA SER B 230 -13.11 3.02 7.67
C SER B 230 -12.63 4.42 7.28
N LEU B 231 -11.43 4.50 6.71
CA LEU B 231 -10.89 5.76 6.20
C LEU B 231 -9.79 5.49 5.20
N ASP B 232 -10.14 4.96 4.03
CA ASP B 232 -9.18 4.68 2.98
C ASP B 232 -9.78 5.08 1.63
N THR B 233 -9.03 4.83 0.57
CA THR B 233 -9.39 5.31 -0.76
C THR B 233 -10.34 4.38 -1.50
N VAL B 234 -10.67 3.23 -0.93
CA VAL B 234 -11.51 2.26 -1.64
C VAL B 234 -12.74 1.91 -0.81
N THR B 235 -12.53 1.46 0.43
CA THR B 235 -13.66 1.00 1.24
C THR B 235 -14.55 2.15 1.69
N THR B 236 -13.97 3.34 1.90
CA THR B 236 -14.80 4.48 2.30
C THR B 236 -15.79 4.90 1.23
N PRO B 237 -15.40 5.07 -0.05
CA PRO B 237 -16.42 5.36 -1.06
C PRO B 237 -17.43 4.24 -1.24
N LEU B 238 -17.02 2.98 -1.05
CA LEU B 238 -17.96 1.87 -1.25
C LEU B 238 -19.04 1.85 -0.17
N TYR B 239 -18.67 2.16 1.08
CA TYR B 239 -19.67 2.24 2.13
C TYR B 239 -20.60 3.43 1.92
N PHE B 240 -20.07 4.52 1.36
CA PHE B 240 -20.92 5.67 1.05
C PHE B 240 -21.94 5.35 -0.04
N LEU B 241 -21.52 4.63 -1.08
CA LEU B 241 -22.47 4.19 -2.09
C LEU B 241 -23.47 3.18 -1.52
N ALA B 242 -23.13 2.54 -0.40
CA ALA B 242 -24.00 1.57 0.24
C ALA B 242 -24.95 2.19 1.26
N GLY B 243 -24.71 3.43 1.67
CA GLY B 243 -25.63 4.12 2.56
C GLY B 243 -24.99 4.81 3.74
N ALA B 244 -23.67 4.68 3.89
CA ALA B 244 -22.96 5.28 5.01
C ALA B 244 -22.61 6.74 4.70
N ASP B 245 -22.24 7.46 5.76
CA ASP B 245 -22.12 8.91 5.66
C ASP B 245 -20.87 9.46 6.35
N VAL B 246 -20.55 8.95 7.53
CA VAL B 246 -19.40 9.41 8.30
C VAL B 246 -18.36 8.30 8.33
N PHE B 247 -17.10 8.68 8.09
CA PHE B 247 -15.99 7.72 8.01
C PHE B 247 -14.79 8.31 8.74
N ASP B 248 -14.26 7.55 9.70
CA ASP B 248 -13.09 7.97 10.45
C ASP B 248 -12.12 6.80 10.54
N GLY B 249 -10.90 7.08 10.98
CA GLY B 249 -9.90 6.04 11.13
C GLY B 249 -8.54 6.63 11.37
N LEU B 250 -7.60 5.75 11.72
CA LEU B 250 -6.22 6.12 11.94
C LEU B 250 -5.32 5.82 10.75
N THR B 251 -5.91 5.43 9.60
CA THR B 251 -5.09 5.06 8.44
C THR B 251 -4.30 6.25 7.90
N TRP B 252 -4.83 7.46 8.03
CA TRP B 252 -4.13 8.65 7.54
C TRP B 252 -2.84 8.93 8.31
N LEU B 253 -2.63 8.27 9.45
CA LEU B 253 -1.42 8.46 10.23
C LEU B 253 -0.39 7.35 10.01
N ARG B 254 -0.78 6.23 9.40
CA ARG B 254 0.13 5.13 9.10
C ARG B 254 0.44 4.97 7.63
N PHE B 255 -0.51 5.26 6.75
CA PHE B 255 -0.35 5.05 5.31
C PHE B 255 -0.19 6.41 4.61
N ALA B 256 -0.28 6.37 3.29
CA ALA B 256 -0.22 7.56 2.46
C ALA B 256 -1.17 7.38 1.29
N TYR B 257 -2.07 8.34 1.10
CA TYR B 257 -3.01 8.29 -0.01
C TYR B 257 -2.33 8.77 -1.28
N TYR B 258 -2.44 7.98 -2.35
CA TYR B 258 -1.69 8.25 -3.58
C TYR B 258 -2.38 7.56 -4.75
N LYS B 259 -2.88 8.37 -5.69
CA LYS B 259 -3.45 7.86 -6.95
C LYS B 259 -4.53 6.81 -6.69
N GLY B 260 -5.42 7.10 -5.74
CA GLY B 260 -6.52 6.21 -5.44
C GLY B 260 -6.18 5.01 -4.59
N MET B 261 -4.93 4.90 -4.12
CA MET B 261 -4.51 3.76 -3.33
C MET B 261 -3.98 4.22 -1.98
N THR B 262 -4.16 3.36 -0.98
CA THR B 262 -3.65 3.59 0.38
C THR B 262 -2.35 2.79 0.49
N ILE B 263 -1.21 3.48 0.42
CA ILE B 263 0.05 2.81 0.15
C ILE B 263 1.03 2.93 1.32
N TYR B 264 2.17 2.26 1.18
CA TYR B 264 3.24 2.32 2.15
C TYR B 264 3.96 3.67 2.06
N ARG B 265 4.23 4.27 3.23
CA ARG B 265 4.65 5.67 3.26
C ARG B 265 6.02 5.88 2.64
N GLN B 266 6.97 4.97 2.90
CA GLN B 266 8.31 5.16 2.37
C GLN B 266 8.34 5.12 0.86
N ASN B 267 7.44 4.36 0.24
CA ASN B 267 7.33 4.37 -1.21
C ASN B 267 6.67 5.66 -1.71
N TYR B 268 5.73 6.21 -0.95
CA TYR B 268 5.14 7.49 -1.30
C TYR B 268 6.20 8.59 -1.30
N ALA B 269 7.12 8.55 -0.33
CA ALA B 269 8.19 9.54 -0.28
C ALA B 269 9.13 9.41 -1.47
N ALA B 270 9.23 8.21 -2.04
CA ALA B 270 10.13 8.00 -3.17
C ALA B 270 9.53 8.48 -4.48
N VAL B 271 8.24 8.22 -4.70
CA VAL B 271 7.61 8.51 -5.98
C VAL B 271 6.93 9.87 -6.02
N GLU B 272 6.78 10.54 -4.88
CA GLU B 272 6.05 11.80 -4.83
C GLU B 272 6.85 12.89 -4.12
N LEU B 273 7.36 12.57 -2.93
CA LEU B 273 8.03 13.58 -2.12
C LEU B 273 9.48 13.80 -2.54
N GLY B 274 10.10 12.83 -3.19
CA GLY B 274 11.50 12.96 -3.59
C GLY B 274 12.36 12.07 -2.72
N ILE B 275 13.40 11.48 -3.35
CA ILE B 275 14.24 10.53 -2.65
C ILE B 275 15.20 11.20 -1.68
N ASP B 276 15.32 12.52 -1.71
CA ASP B 276 16.24 13.26 -0.85
C ASP B 276 15.52 14.15 0.15
N MET B 277 14.23 13.93 0.38
CA MET B 277 13.51 14.73 1.35
C MET B 277 14.01 14.44 2.76
N LYS B 278 14.16 15.50 3.56
CA LYS B 278 14.65 15.34 4.92
C LYS B 278 13.74 14.41 5.71
N ALA B 279 14.35 13.46 6.42
CA ALA B 279 13.58 12.41 7.08
C ALA B 279 12.68 12.96 8.18
N HIS B 280 13.07 14.05 8.82
CA HIS B 280 12.28 14.60 9.91
C HIS B 280 11.02 15.32 9.45
N LEU B 281 10.80 15.44 8.14
CA LEU B 281 9.62 16.10 7.61
C LEU B 281 8.68 15.15 6.88
N VAL B 282 9.06 13.87 6.76
CA VAL B 282 8.28 12.93 5.96
C VAL B 282 6.98 12.57 6.68
N ASP B 283 7.07 12.30 7.98
CA ASP B 283 5.88 11.88 8.71
C ASP B 283 4.83 12.98 8.77
N ALA B 284 5.25 14.23 8.93
CA ALA B 284 4.31 15.35 8.95
C ALA B 284 3.79 15.68 7.56
N LYS B 285 4.67 15.61 6.55
CA LYS B 285 4.23 15.87 5.18
C LYS B 285 3.21 14.85 4.71
N CYS B 286 3.38 13.59 5.12
CA CYS B 286 2.39 12.56 4.78
C CYS B 286 1.04 12.88 5.43
N CYS B 287 1.05 13.28 6.71
CA CYS B 287 -0.20 13.63 7.37
C CYS B 287 -0.86 14.84 6.72
N PHE B 288 -0.06 15.84 6.35
CA PHE B 288 -0.61 17.04 5.74
C PHE B 288 -1.21 16.72 4.37
N ASP B 289 -0.48 15.97 3.54
CA ASP B 289 -0.99 15.59 2.24
C ASP B 289 -2.19 14.66 2.36
N ASN B 290 -2.22 13.80 3.38
CA ASN B 290 -3.34 12.88 3.53
C ASN B 290 -4.62 13.62 3.88
N TYR B 291 -4.55 14.65 4.73
CA TYR B 291 -5.76 15.39 5.06
C TYR B 291 -6.31 16.13 3.85
N ARG B 292 -5.43 16.72 3.04
CA ARG B 292 -5.87 17.35 1.80
C ARG B 292 -6.42 16.32 0.83
N TYR B 293 -5.85 15.11 0.82
CA TYR B 293 -6.41 14.04 0.00
C TYR B 293 -7.80 13.65 0.51
N MET B 294 -7.98 13.60 1.83
CA MET B 294 -9.29 13.28 2.40
C MET B 294 -10.34 14.28 1.96
N LYS B 295 -9.98 15.56 1.89
CA LYS B 295 -10.94 16.57 1.49
C LYS B 295 -11.25 16.48 0.01
N GLY B 296 -10.24 16.17 -0.81
CA GLY B 296 -10.50 15.91 -2.22
C GLY B 296 -11.38 14.70 -2.44
N LEU B 297 -11.12 13.63 -1.70
CA LEU B 297 -11.97 12.43 -1.80
C LEU B 297 -13.36 12.71 -1.25
N GLU B 298 -13.46 13.51 -0.18
CA GLU B 298 -14.75 13.89 0.34
C GLU B 298 -15.56 14.67 -0.69
N GLY B 299 -14.89 15.55 -1.44
CA GLY B 299 -15.57 16.28 -2.50
C GLY B 299 -16.01 15.40 -3.65
N GLU B 300 -15.23 14.36 -3.97
CA GLU B 300 -15.64 13.43 -5.01
C GLU B 300 -16.91 12.68 -4.60
N MET B 301 -17.03 12.34 -3.31
CA MET B 301 -18.22 11.66 -2.83
C MET B 301 -19.42 12.61 -2.79
N ARG B 302 -19.19 13.88 -2.46
CA ARG B 302 -20.27 14.86 -2.50
C ARG B 302 -20.66 15.22 -3.92
N GLY B 303 -19.76 15.07 -4.89
CA GLY B 303 -20.10 15.31 -6.28
C GLY B 303 -20.81 14.15 -6.95
N PHE B 304 -20.70 12.95 -6.38
CA PHE B 304 -21.43 11.81 -6.92
C PHE B 304 -22.93 12.04 -6.89
N LEU B 305 -23.41 12.81 -5.89
CA LEU B 305 -24.83 13.08 -5.76
C LEU B 305 -25.37 13.91 -6.91
N LYS B 306 -24.51 14.65 -7.60
CA LYS B 306 -24.90 15.50 -8.72
C LYS B 306 -24.36 15.00 -10.05
N GLU B 307 -23.08 14.64 -10.11
CA GLU B 307 -22.43 14.23 -11.35
C GLU B 307 -22.38 12.73 -11.56
N GLY B 308 -22.75 11.93 -10.57
CA GLY B 308 -22.68 10.50 -10.73
C GLY B 308 -21.25 9.99 -10.56
N PHE B 309 -20.95 8.87 -11.22
CA PHE B 309 -19.65 8.24 -11.08
C PHE B 309 -18.52 9.04 -11.70
N ALA B 310 -18.81 10.04 -12.53
CA ALA B 310 -17.76 10.89 -13.08
C ALA B 310 -17.05 11.69 -12.00
N SER B 311 -17.67 11.85 -10.82
CA SER B 311 -17.04 12.58 -9.74
C SER B 311 -15.82 11.85 -9.19
N PHE B 312 -15.84 10.51 -9.27
CA PHE B 312 -14.72 9.71 -8.78
C PHE B 312 -13.59 9.65 -9.82
N GLU B 313 -12.38 10.02 -9.41
CA GLU B 313 -11.22 9.95 -10.28
C GLU B 313 -10.53 8.58 -10.26
N HIS B 314 -10.98 7.66 -9.41
CA HIS B 314 -10.31 6.37 -9.30
C HIS B 314 -11.32 5.28 -9.02
N HIS B 315 -10.99 4.06 -9.47
CA HIS B 315 -11.75 2.86 -9.17
C HIS B 315 -13.20 2.93 -9.63
N ARG B 316 -13.46 3.70 -10.69
CA ARG B 316 -14.83 3.81 -11.20
C ARG B 316 -15.43 2.45 -11.53
N PRO B 317 -14.73 1.53 -12.21
CA PRO B 317 -15.33 0.20 -12.46
C PRO B 317 -15.70 -0.57 -11.21
N LEU B 318 -14.81 -0.59 -10.21
CA LEU B 318 -15.08 -1.34 -8.99
C LEU B 318 -16.25 -0.73 -8.22
N LEU B 319 -16.31 0.60 -8.14
CA LEU B 319 -17.37 1.25 -7.37
C LEU B 319 -18.75 0.96 -7.94
N GLU B 320 -18.87 0.92 -9.28
CA GLU B 320 -20.18 0.64 -9.86
C GLU B 320 -20.60 -0.82 -9.69
N ARG B 321 -19.66 -1.74 -9.88
CA ARG B 321 -20.01 -3.15 -9.83
C ARG B 321 -20.55 -3.52 -8.46
N ALA B 322 -19.85 -3.12 -7.41
CA ALA B 322 -20.29 -3.44 -6.05
C ALA B 322 -21.57 -2.70 -5.70
N CYS B 323 -21.71 -1.45 -6.15
CA CYS B 323 -22.90 -0.68 -5.82
C CYS B 323 -24.17 -1.31 -6.38
N ARG B 324 -24.08 -1.90 -7.58
CA ARG B 324 -25.23 -2.59 -8.16
C ARG B 324 -25.55 -3.87 -7.40
N ALA B 325 -24.52 -4.61 -6.99
CA ALA B 325 -24.75 -5.92 -6.39
C ALA B 325 -25.42 -5.81 -5.02
N VAL B 326 -25.06 -4.78 -4.24
CA VAL B 326 -25.60 -4.65 -2.89
C VAL B 326 -26.91 -3.87 -2.85
N LEU B 327 -27.29 -3.21 -3.95
CA LEU B 327 -28.58 -2.53 -4.01
C LEU B 327 -29.66 -3.40 -4.61
N GLU B 328 -29.31 -4.28 -5.55
CA GLU B 328 -30.28 -5.21 -6.10
C GLU B 328 -30.72 -6.24 -5.05
N GLU B 329 -29.84 -6.57 -4.10
CA GLU B 329 -30.21 -7.54 -3.09
C GLU B 329 -31.28 -7.00 -2.14
N THR B 330 -31.36 -5.68 -2.01
CA THR B 330 -32.36 -4.99 -1.17
C THR B 330 -32.48 -5.60 0.21
N GLY C 1 -12.79 -0.99 16.66
CA GLY C 1 -12.37 -2.25 16.05
C GLY C 1 -13.28 -3.39 16.50
N GLY C 2 -12.86 -4.62 16.19
CA GLY C 2 -13.65 -5.79 16.54
C GLY C 2 -12.84 -7.05 16.70
N SER C 3 -13.45 -8.07 17.29
CA SER C 3 -12.78 -9.34 17.55
C SER C 3 -12.70 -10.14 16.25
N GLY C 4 -11.49 -10.33 15.76
CA GLY C 4 -11.25 -11.12 14.57
C GLY C 4 -10.00 -10.62 13.85
N GLY C 5 -9.38 -11.53 13.10
CA GLY C 5 -8.21 -11.18 12.33
C GLY C 5 -7.05 -12.14 12.48
N SER C 6 -7.28 -13.27 13.15
CA SER C 6 -6.25 -14.29 13.24
C SER C 6 -5.98 -14.87 11.86
N PHE C 7 -4.76 -15.38 11.68
CA PHE C 7 -4.34 -15.83 10.36
C PHE C 7 -5.25 -16.94 9.84
N GLY C 8 -5.70 -17.83 10.72
CA GLY C 8 -6.54 -18.92 10.26
C GLY C 8 -7.93 -19.01 10.86
N SER C 9 -8.31 -18.02 11.66
CA SER C 9 -9.63 -17.99 12.33
C SER C 9 -9.89 -19.29 13.10
N GLY C 10 -8.83 -19.87 13.67
CA GLY C 10 -8.96 -21.13 14.37
C GLY C 10 -9.03 -22.35 13.47
N PHE C 11 -8.71 -22.21 12.19
CA PHE C 11 -8.70 -23.34 11.29
C PHE C 11 -7.29 -23.91 11.20
N ASP C 12 -7.17 -25.08 10.58
CA ASP C 12 -5.85 -25.61 10.29
C ASP C 12 -5.22 -24.75 9.22
N PRO C 13 -4.02 -24.20 9.44
CA PRO C 13 -3.40 -23.37 8.40
C PRO C 13 -3.16 -24.10 7.10
N ARG C 14 -2.97 -25.42 7.16
CA ARG C 14 -2.78 -26.19 5.92
C ARG C 14 -4.10 -26.42 5.20
N ASP C 15 -5.22 -26.43 5.93
CA ASP C 15 -6.52 -26.50 5.27
C ASP C 15 -6.84 -25.19 4.55
N ILE C 16 -6.44 -24.06 5.15
CA ILE C 16 -6.60 -22.77 4.49
C ILE C 16 -5.76 -22.70 3.23
N SER C 17 -4.53 -23.23 3.29
CA SER C 17 -3.69 -23.26 2.10
C SER C 17 -4.33 -24.08 1.00
N ARG C 18 -4.98 -25.18 1.35
CA ARG C 18 -5.65 -26.00 0.34
C ARG C 18 -6.85 -25.30 -0.25
N GLN C 19 -7.64 -24.61 0.59
CA GLN C 19 -8.79 -23.88 0.07
C GLN C 19 -8.36 -22.76 -0.88
N VAL C 20 -7.29 -22.06 -0.54
CA VAL C 20 -6.80 -20.99 -1.39
C VAL C 20 -6.27 -21.56 -2.70
N ARG C 21 -5.42 -22.58 -2.62
CA ARG C 21 -4.82 -23.12 -3.83
C ARG C 21 -5.84 -23.84 -4.70
N ASP C 22 -6.86 -24.45 -4.09
CA ASP C 22 -7.93 -25.06 -4.88
C ASP C 22 -8.70 -23.99 -5.64
N ALA C 23 -8.97 -22.85 -4.99
CA ALA C 23 -9.67 -21.77 -5.66
C ALA C 23 -8.84 -21.18 -6.80
N GLU C 24 -7.52 -21.15 -6.63
CA GLU C 24 -6.65 -20.66 -7.70
C GLU C 24 -6.64 -21.61 -8.89
N LYS C 25 -6.53 -22.91 -8.64
CA LYS C 25 -6.44 -23.88 -9.72
C LYS C 25 -7.74 -24.04 -10.49
N LYS C 26 -8.86 -23.52 -10.00
CA LYS C 26 -10.13 -23.67 -10.68
C LYS C 26 -10.46 -22.52 -11.62
N LEU C 27 -9.87 -21.34 -11.43
CA LEU C 27 -10.05 -20.22 -12.34
C LEU C 27 -8.88 -20.13 -13.31
N GLY C 28 -9.17 -19.75 -14.54
CA GLY C 28 -8.16 -19.67 -15.57
C GLY C 28 -8.31 -18.41 -16.40
N ASP C 29 -7.17 -17.93 -16.90
CA ASP C 29 -7.12 -16.75 -17.77
C ASP C 29 -6.88 -17.21 -19.19
N GLU C 30 -7.82 -16.90 -20.09
CA GLU C 30 -7.71 -17.37 -21.47
C GLU C 30 -6.47 -16.82 -22.17
N ALA C 31 -6.07 -15.59 -21.84
CA ALA C 31 -4.87 -15.01 -22.46
C ALA C 31 -3.63 -15.79 -22.07
N PHE C 32 -3.41 -15.99 -20.76
CA PHE C 32 -2.24 -16.73 -20.31
C PHE C 32 -2.29 -18.19 -20.77
N GLY C 33 -3.48 -18.76 -20.87
CA GLY C 33 -3.59 -20.13 -21.36
C GLY C 33 -3.17 -20.25 -22.82
N ALA C 34 -3.49 -19.24 -23.64
CA ALA C 34 -3.05 -19.27 -25.03
C ALA C 34 -1.55 -19.10 -25.14
N LYS C 35 -0.97 -18.26 -24.28
CA LYS C 35 0.49 -18.09 -24.29
C LYS C 35 1.18 -19.38 -23.86
N ILE C 36 0.63 -20.07 -22.87
CA ILE C 36 1.22 -21.33 -22.41
C ILE C 36 1.11 -22.39 -23.49
N ALA C 37 -0.05 -22.48 -24.16
CA ALA C 37 -0.21 -23.44 -25.23
C ALA C 37 0.77 -23.17 -26.38
N ASP C 38 0.97 -21.90 -26.70
CA ASP C 38 1.96 -21.54 -27.72
C ASP C 38 3.37 -21.91 -27.30
N LEU C 39 3.66 -21.85 -26.00
CA LEU C 39 4.98 -22.24 -25.52
C LEU C 39 5.21 -23.74 -25.72
N PHE C 40 4.23 -24.56 -25.32
CA PHE C 40 4.41 -26.01 -25.37
C PHE C 40 4.41 -26.52 -26.81
N THR C 41 3.60 -25.91 -27.69
CA THR C 41 3.61 -26.34 -29.09
C THR C 41 4.95 -26.08 -29.74
N GLY C 42 5.65 -25.01 -29.34
CA GLY C 42 6.97 -24.76 -29.86
C GLY C 42 8.01 -25.71 -29.29
N LEU C 43 7.89 -26.02 -27.99
CA LEU C 43 8.81 -26.97 -27.38
C LEU C 43 8.62 -28.38 -27.95
N LEU C 44 7.40 -28.72 -28.35
CA LEU C 44 7.09 -30.02 -28.92
C LEU C 44 6.99 -29.97 -30.45
N GLY C 45 7.50 -28.92 -31.08
CA GLY C 45 7.32 -28.77 -32.52
C GLY C 45 8.12 -29.78 -33.31
N ASP C 46 9.38 -30.00 -32.95
CA ASP C 46 10.20 -30.98 -33.63
C ASP C 46 9.74 -32.40 -33.38
N TYR C 47 8.99 -32.64 -32.30
CA TYR C 47 8.51 -33.98 -31.98
C TYR C 47 7.25 -34.32 -32.76
N ASN C 48 6.25 -33.43 -32.73
CA ASN C 48 4.98 -33.71 -33.40
C ASN C 48 5.07 -33.64 -34.92
N ASN C 49 6.08 -32.96 -35.46
CA ASN C 49 6.25 -32.83 -36.91
C ASN C 49 7.44 -33.63 -37.42
N ARG C 50 7.77 -34.71 -36.72
CA ARG C 50 8.86 -35.59 -37.11
C ARG C 50 8.34 -36.65 -38.09
N ASP C 51 9.11 -36.88 -39.15
CA ASP C 51 8.72 -37.82 -40.21
C ASP C 51 8.93 -39.24 -39.68
N THR C 52 7.96 -39.68 -38.88
CA THR C 52 8.07 -40.98 -38.23
C THR C 52 8.03 -42.12 -39.23
N SER C 53 7.31 -41.96 -40.34
CA SER C 53 7.30 -42.99 -41.38
C SER C 53 8.68 -43.17 -41.99
N LEU C 54 9.41 -42.07 -42.21
CA LEU C 54 10.77 -42.17 -42.72
C LEU C 54 11.70 -42.81 -41.69
N VAL C 55 11.44 -42.59 -40.41
CA VAL C 55 12.21 -43.25 -39.36
C VAL C 55 12.03 -44.76 -39.46
N ARG C 56 10.80 -45.21 -39.69
CA ARG C 56 10.49 -46.63 -39.72
C ARG C 56 11.16 -47.32 -40.91
N GLN C 57 11.13 -46.68 -42.08
CA GLN C 57 11.75 -47.29 -43.26
C GLN C 57 13.26 -47.33 -43.14
N ARG C 58 13.87 -46.26 -42.64
CA ARG C 58 15.31 -46.24 -42.44
C ARG C 58 15.77 -47.27 -41.43
N ILE C 59 14.92 -47.59 -40.44
CA ILE C 59 15.27 -48.63 -39.48
C ILE C 59 15.28 -50.00 -40.16
N ASP C 60 14.25 -50.28 -40.96
CA ASP C 60 14.23 -51.53 -41.70
C ASP C 60 15.33 -51.58 -42.76
N ASP C 61 15.68 -50.43 -43.34
CA ASP C 61 16.72 -50.39 -44.37
C ASP C 61 18.12 -50.58 -43.79
N MET C 62 18.34 -50.19 -42.53
CA MET C 62 19.66 -50.30 -41.94
C MET C 62 19.89 -51.63 -41.24
N LEU C 63 18.83 -52.41 -41.00
CA LEU C 63 18.95 -53.68 -40.34
C LEU C 63 18.75 -54.86 -41.28
N GLU C 64 18.25 -54.60 -42.49
CA GLU C 64 18.15 -55.62 -43.53
C GLU C 64 19.52 -55.83 -44.16
N GLY C 65 20.18 -56.94 -43.79
CA GLY C 65 21.49 -57.23 -44.32
C GLY C 65 22.43 -57.74 -43.24
N LEU C 66 22.18 -57.34 -42.00
CA LEU C 66 22.99 -57.74 -40.86
C LEU C 66 22.17 -58.72 -40.03
N ARG C 67 22.53 -60.01 -40.11
CA ARG C 67 21.80 -61.05 -39.41
C ARG C 67 21.91 -60.89 -37.89
N ASP C 68 23.03 -60.36 -37.41
CA ASP C 68 23.25 -60.28 -35.96
C ASP C 68 22.27 -59.34 -35.29
N VAL C 69 21.97 -58.21 -35.90
CA VAL C 69 21.06 -57.23 -35.32
C VAL C 69 19.65 -57.48 -35.83
N ALA C 70 18.67 -57.33 -34.93
CA ALA C 70 17.27 -57.53 -35.27
C ALA C 70 16.43 -56.49 -34.55
N GLU C 71 15.43 -55.96 -35.26
CA GLU C 71 14.55 -54.95 -34.68
C GLU C 71 13.70 -55.55 -33.57
N GLY C 72 13.36 -54.71 -32.59
CA GLY C 72 12.52 -55.12 -31.50
C GLY C 72 11.12 -55.47 -31.94
N GLU C 73 10.28 -55.80 -30.95
CA GLU C 73 8.92 -56.22 -31.21
C GLU C 73 7.93 -55.05 -31.15
N LEU C 74 7.93 -54.29 -30.06
CA LEU C 74 7.01 -53.19 -29.90
C LEU C 74 7.55 -51.94 -30.58
N ASP C 75 6.70 -51.29 -31.37
CA ASP C 75 7.11 -50.08 -32.09
C ASP C 75 7.13 -48.90 -31.13
N LEU C 76 8.26 -48.19 -31.10
CA LEU C 76 8.45 -47.06 -30.20
C LEU C 76 8.44 -45.75 -30.96
N VAL C 77 9.50 -45.45 -31.73
CA VAL C 77 9.67 -44.20 -32.45
C VAL C 77 9.48 -43.03 -31.50
N PHE C 78 9.88 -43.23 -30.24
CA PHE C 78 9.84 -42.16 -29.26
C PHE C 78 11.05 -41.24 -29.35
N GLY C 79 11.95 -41.47 -30.31
CA GLY C 79 13.02 -40.54 -30.54
C GLY C 79 12.52 -39.19 -31.02
N GLY C 80 13.35 -38.19 -30.82
CA GLY C 80 12.97 -36.83 -31.16
C GLY C 80 13.19 -35.90 -29.99
N SER C 81 13.60 -34.68 -30.26
CA SER C 81 13.94 -33.73 -29.21
C SER C 81 12.78 -32.78 -28.92
N VAL C 82 12.65 -32.42 -27.64
CA VAL C 82 11.68 -31.43 -27.19
C VAL C 82 12.43 -30.46 -26.28
N ALA C 83 12.10 -29.18 -26.39
CA ALA C 83 12.70 -28.11 -25.58
C ALA C 83 14.21 -28.10 -25.69
N LYS C 84 14.73 -28.50 -26.87
CA LYS C 84 16.16 -28.46 -27.18
C LYS C 84 17.00 -29.31 -26.23
N ARG C 85 16.40 -30.36 -25.65
CA ARG C 85 17.16 -31.32 -24.85
C ARG C 85 17.65 -32.43 -25.76
N THR C 86 18.97 -32.58 -25.88
CA THR C 86 19.53 -33.57 -26.78
C THR C 86 20.15 -34.74 -26.01
N TYR C 87 19.37 -35.33 -25.11
CA TYR C 87 19.83 -36.46 -24.30
C TYR C 87 18.92 -37.65 -24.53
N VAL C 88 19.51 -38.84 -24.55
CA VAL C 88 18.80 -40.10 -24.65
C VAL C 88 19.18 -40.91 -23.41
N ASP C 89 18.24 -41.05 -22.48
CA ASP C 89 18.52 -41.75 -21.23
C ASP C 89 17.46 -42.77 -20.84
N GLY C 90 16.47 -43.02 -21.68
CA GLY C 90 15.45 -43.99 -21.36
C GLY C 90 14.72 -44.44 -22.60
N LEU C 91 13.71 -45.31 -22.39
CA LEU C 91 12.92 -45.80 -23.51
C LEU C 91 12.09 -44.71 -24.16
N SER C 92 11.82 -43.62 -23.44
CA SER C 92 11.09 -42.50 -24.02
C SER C 92 11.92 -41.70 -25.02
N ASP C 93 13.22 -42.00 -25.17
CA ASP C 93 14.08 -41.26 -26.09
C ASP C 93 14.66 -42.13 -27.20
N VAL C 94 14.20 -43.36 -27.35
CA VAL C 94 14.72 -44.27 -28.36
C VAL C 94 13.64 -44.56 -29.39
N ASP C 95 14.08 -44.95 -30.59
CA ASP C 95 13.16 -45.28 -31.67
C ASP C 95 12.90 -46.78 -31.81
N CYS C 96 13.81 -47.63 -31.35
CA CYS C 96 13.64 -49.07 -31.49
C CYS C 96 14.66 -49.78 -30.60
N LEU C 97 14.36 -51.05 -30.31
CA LEU C 97 15.23 -51.93 -29.54
C LEU C 97 15.96 -52.87 -30.50
N VAL C 98 17.25 -52.66 -30.69
CA VAL C 98 18.07 -53.50 -31.56
C VAL C 98 18.58 -54.68 -30.74
N ILE C 99 18.08 -55.88 -31.04
CA ILE C 99 18.35 -57.06 -30.24
C ILE C 99 19.42 -57.90 -30.90
N VAL C 100 20.49 -58.19 -30.16
CA VAL C 100 21.54 -59.10 -30.58
C VAL C 100 21.49 -60.34 -29.70
N ASN C 101 21.86 -61.49 -30.25
CA ASN C 101 21.82 -62.73 -29.47
C ASN C 101 23.15 -63.01 -28.78
N ASP C 102 24.21 -63.19 -29.55
CA ASP C 102 25.53 -63.44 -28.97
C ASP C 102 26.63 -63.11 -29.96
N GLU C 106 26.09 -60.74 -24.11
CA GLU C 106 25.65 -61.06 -22.75
C GLU C 106 26.76 -60.84 -21.74
N ALA C 107 27.64 -61.84 -21.61
CA ALA C 107 28.74 -61.75 -20.66
C ALA C 107 29.76 -60.70 -21.04
N ALA C 108 29.82 -60.32 -22.32
CA ALA C 108 30.77 -59.29 -22.74
C ALA C 108 30.38 -57.91 -22.23
N GLY C 109 29.08 -57.65 -22.08
CA GLY C 109 28.62 -56.41 -21.50
C GLY C 109 27.79 -55.58 -22.46
N PRO C 110 27.06 -54.60 -21.92
CA PRO C 110 26.29 -53.69 -22.77
C PRO C 110 27.15 -52.92 -23.76
N HIS C 111 28.30 -52.41 -23.32
CA HIS C 111 29.18 -51.66 -24.21
C HIS C 111 29.74 -52.52 -25.34
N ALA C 112 29.72 -53.84 -25.19
CA ALA C 112 30.14 -54.70 -26.29
C ALA C 112 29.07 -54.77 -27.38
N ALA C 113 27.82 -55.01 -26.97
CA ALA C 113 26.73 -55.05 -27.94
C ALA C 113 26.48 -53.68 -28.57
N ARG C 114 26.76 -52.60 -27.85
CA ARG C 114 26.56 -51.27 -28.39
C ARG C 114 27.55 -50.99 -29.52
N ASP C 115 28.85 -51.25 -29.28
CA ASP C 115 29.86 -51.01 -30.29
C ASP C 115 29.71 -51.97 -31.47
N LEU C 116 29.19 -53.17 -31.23
CA LEU C 116 28.93 -54.09 -32.33
C LEU C 116 27.86 -53.53 -33.25
N VAL C 117 26.71 -53.15 -32.69
CA VAL C 117 25.67 -52.51 -33.48
C VAL C 117 26.23 -51.26 -34.16
N ALA C 118 27.09 -50.52 -33.45
CA ALA C 118 27.68 -49.32 -34.01
C ALA C 118 28.55 -49.63 -35.22
N LYS C 119 29.48 -50.58 -35.06
CA LYS C 119 30.42 -50.87 -36.14
C LYS C 119 29.73 -51.48 -37.35
N GLU C 120 28.81 -52.42 -37.14
CA GLU C 120 28.16 -53.06 -38.28
C GLU C 120 27.24 -52.10 -39.02
N LEU C 121 26.71 -51.09 -38.33
CA LEU C 121 25.88 -50.09 -39.01
C LEU C 121 26.70 -48.99 -39.65
N ALA C 122 27.84 -48.61 -39.05
CA ALA C 122 28.67 -47.59 -39.67
C ALA C 122 29.31 -48.09 -40.96
N ALA C 123 29.65 -49.38 -41.03
CA ALA C 123 30.18 -49.92 -42.27
C ALA C 123 29.08 -50.10 -43.31
N LYS C 124 27.88 -50.52 -42.87
CA LYS C 124 26.79 -50.75 -43.79
C LYS C 124 26.20 -49.45 -44.31
N LEU C 125 26.13 -48.42 -43.46
CA LEU C 125 25.57 -47.13 -43.83
C LEU C 125 26.65 -46.12 -44.20
N ALA C 126 27.85 -46.59 -44.50
CA ALA C 126 28.93 -45.70 -44.91
C ALA C 126 28.57 -45.01 -46.22
N GLY C 127 28.58 -43.68 -46.21
CA GLY C 127 28.15 -42.90 -47.35
C GLY C 127 26.67 -42.61 -47.40
N LYS C 128 25.90 -43.09 -46.42
CA LYS C 128 24.47 -42.84 -46.33
C LYS C 128 24.08 -42.13 -45.05
N ALA C 129 24.71 -42.48 -43.93
CA ALA C 129 24.45 -41.82 -42.66
C ALA C 129 25.64 -42.06 -41.75
N GLU C 130 25.80 -41.18 -40.76
CA GLU C 130 26.85 -41.32 -39.76
C GLU C 130 26.32 -42.07 -38.55
N VAL C 131 27.17 -42.91 -37.97
CA VAL C 131 26.81 -43.74 -36.82
C VAL C 131 27.79 -43.45 -35.69
N SER C 132 27.24 -43.24 -34.50
CA SER C 132 28.05 -42.98 -33.31
C SER C 132 27.41 -43.68 -32.12
N ALA C 133 28.24 -44.05 -31.17
CA ALA C 133 27.76 -44.69 -29.95
C ALA C 133 27.74 -43.64 -28.84
N GLY C 134 26.69 -43.66 -28.04
CA GLY C 134 26.50 -42.72 -26.99
C GLY C 134 26.63 -43.35 -25.62
N LYS C 135 26.11 -42.66 -24.61
CA LYS C 135 26.16 -43.20 -23.26
C LYS C 135 25.21 -44.37 -23.09
N LEU C 136 24.17 -44.44 -23.91
CA LEU C 136 23.17 -45.49 -23.77
C LEU C 136 22.77 -46.07 -25.14
N ALA C 137 22.53 -45.22 -26.12
CA ALA C 137 21.99 -45.63 -27.40
C ALA C 137 22.90 -45.22 -28.55
N VAL C 138 22.77 -45.96 -29.65
CA VAL C 138 23.47 -45.66 -30.89
C VAL C 138 22.62 -44.70 -31.71
N THR C 139 23.24 -43.65 -32.24
CA THR C 139 22.55 -42.62 -33.00
C THR C 139 22.96 -42.70 -34.46
N VAL C 140 21.98 -42.67 -35.35
CA VAL C 140 22.22 -42.72 -36.79
C VAL C 140 21.74 -41.39 -37.36
N ARG C 141 22.69 -40.49 -37.62
CA ARG C 141 22.37 -39.20 -38.22
C ARG C 141 22.47 -39.30 -39.74
N TYR C 142 21.49 -38.71 -40.43
CA TYR C 142 21.44 -38.74 -41.88
C TYR C 142 21.74 -37.35 -42.43
N GLY C 143 21.73 -37.24 -43.76
CA GLY C 143 22.02 -35.97 -44.39
C GLY C 143 20.94 -34.94 -44.15
N ASP C 144 19.68 -35.36 -44.03
CA ASP C 144 18.59 -34.43 -43.78
C ASP C 144 18.54 -33.93 -42.36
N GLY C 145 19.43 -34.41 -41.48
CA GLY C 145 19.43 -34.00 -40.09
C GLY C 145 18.68 -34.92 -39.15
N MET C 146 18.00 -35.95 -39.67
CA MET C 146 17.26 -36.86 -38.82
C MET C 146 18.22 -37.77 -38.06
N GLU C 147 18.01 -37.89 -36.75
CA GLU C 147 18.82 -38.76 -35.90
C GLU C 147 17.90 -39.83 -35.32
N ILE C 148 18.19 -41.08 -35.63
CA ILE C 148 17.40 -42.21 -35.14
C ILE C 148 18.17 -42.86 -34.00
N GLN C 149 17.51 -43.01 -32.86
CA GLN C 149 18.13 -43.57 -31.66
C GLN C 149 17.80 -45.05 -31.56
N LEU C 150 18.83 -45.87 -31.38
CA LEU C 150 18.68 -47.32 -31.31
C LEU C 150 19.27 -47.78 -29.99
N LEU C 151 18.46 -48.47 -29.19
CA LEU C 151 18.93 -48.95 -27.92
C LEU C 151 19.40 -50.39 -28.07
N PRO C 152 20.69 -50.67 -27.92
CA PRO C 152 21.15 -52.06 -28.07
C PRO C 152 20.65 -52.90 -26.91
N ALA C 153 20.35 -54.16 -27.23
CA ALA C 153 19.87 -55.10 -26.23
C ALA C 153 20.37 -56.48 -26.60
N VAL C 154 20.30 -57.39 -25.65
CA VAL C 154 20.75 -58.76 -25.89
C VAL C 154 19.64 -59.71 -25.49
N ARG C 155 19.70 -60.91 -26.05
CA ARG C 155 18.71 -61.96 -25.81
C ARG C 155 19.38 -63.07 -25.02
N THR C 156 18.79 -63.44 -23.90
CA THR C 156 19.31 -64.50 -23.05
C THR C 156 18.27 -65.59 -22.91
N GLU C 157 18.58 -66.60 -22.08
CA GLU C 157 17.59 -67.59 -21.71
C GLU C 157 16.56 -67.02 -20.75
N ALA C 158 16.87 -65.91 -20.09
CA ALA C 158 15.92 -65.24 -19.20
C ALA C 158 15.05 -64.23 -19.94
N GLY C 159 15.38 -63.89 -21.19
CA GLY C 159 14.66 -62.91 -21.96
C GLY C 159 15.60 -61.85 -22.48
N VAL C 160 15.03 -60.71 -22.87
CA VAL C 160 15.80 -59.61 -23.41
C VAL C 160 16.28 -58.75 -22.24
N LYS C 161 17.39 -58.05 -22.45
CA LYS C 161 17.96 -57.16 -21.43
C LYS C 161 18.41 -55.85 -22.08
N ILE C 162 18.00 -54.74 -21.50
CA ILE C 162 18.39 -53.42 -21.98
C ILE C 162 19.48 -52.88 -21.07
N PRO C 163 20.31 -51.95 -21.52
CA PRO C 163 21.40 -51.46 -20.67
C PRO C 163 20.89 -50.61 -19.52
N SER C 164 21.65 -50.61 -18.44
CA SER C 164 21.34 -49.76 -17.30
C SER C 164 21.60 -48.29 -17.64
N ALA C 165 20.77 -47.41 -17.10
CA ALA C 165 20.93 -45.99 -17.43
C ALA C 165 22.05 -45.31 -16.64
N ARG C 166 22.48 -45.87 -15.51
CA ARG C 166 23.54 -45.28 -14.70
C ARG C 166 24.79 -46.14 -14.62
N VAL C 167 24.64 -47.46 -14.41
CA VAL C 167 25.79 -48.33 -14.24
C VAL C 167 26.57 -48.46 -15.54
N ASP C 168 25.86 -48.50 -16.68
CA ASP C 168 26.45 -48.54 -18.01
C ASP C 168 27.20 -49.85 -18.29
N GLY C 169 28.05 -50.31 -17.37
CA GLY C 169 28.77 -51.53 -17.65
C GLY C 169 28.08 -52.79 -17.18
N ARG C 170 26.75 -52.74 -17.09
CA ARG C 170 25.91 -53.88 -16.74
C ARG C 170 24.55 -53.70 -17.37
N TRP C 171 23.78 -54.79 -17.41
CA TRP C 171 22.42 -54.73 -17.91
C TRP C 171 21.45 -54.42 -16.78
N SER C 172 20.37 -53.72 -17.12
CA SER C 172 19.40 -53.35 -16.12
C SER C 172 18.55 -54.56 -15.74
N GLU C 173 17.88 -54.45 -14.59
CA GLU C 173 17.00 -55.50 -14.09
C GLU C 173 15.56 -55.35 -14.56
N ILE C 174 15.31 -54.45 -15.50
CA ILE C 174 13.95 -54.21 -15.98
C ILE C 174 13.62 -55.23 -17.06
N ASP C 175 12.36 -55.66 -17.09
CA ASP C 175 11.85 -56.46 -18.19
C ASP C 175 11.48 -55.51 -19.32
N PRO C 176 12.27 -55.47 -20.41
CA PRO C 176 11.96 -54.53 -21.49
C PRO C 176 10.63 -54.79 -22.17
N GLY C 177 10.11 -56.01 -22.11
CA GLY C 177 8.79 -56.28 -22.67
C GLY C 177 7.69 -55.60 -21.89
N LYS C 178 7.67 -55.80 -20.56
CA LYS C 178 6.68 -55.15 -19.71
C LYS C 178 6.78 -53.63 -19.81
N PHE C 179 8.00 -53.08 -19.64
CA PHE C 179 8.18 -51.64 -19.68
C PHE C 179 7.68 -51.04 -20.99
N GLN C 180 8.12 -51.59 -22.12
CA GLN C 180 7.70 -51.08 -23.42
C GLN C 180 6.18 -51.14 -23.58
N GLN C 181 5.55 -52.22 -23.10
CA GLN C 181 4.10 -52.32 -23.19
C GLN C 181 3.42 -51.20 -22.42
N ALA C 182 3.84 -50.97 -21.17
CA ALA C 182 3.20 -49.95 -20.36
C ALA C 182 3.40 -48.56 -20.96
N LEU C 183 4.64 -48.22 -21.30
CA LEU C 183 4.92 -46.91 -21.87
C LEU C 183 4.11 -46.68 -23.15
N THR C 184 4.01 -47.70 -24.01
CA THR C 184 3.25 -47.57 -25.24
C THR C 184 1.75 -47.57 -24.99
N LYS C 185 1.27 -48.46 -24.12
CA LYS C 185 -0.16 -48.54 -23.86
C LYS C 185 -0.68 -47.25 -23.21
N TYR C 186 0.05 -46.76 -22.20
CA TYR C 186 -0.36 -45.53 -21.54
C TYR C 186 -0.33 -44.34 -22.49
N ASN C 187 0.80 -44.14 -23.17
CA ASN C 187 0.92 -43.05 -24.13
C ASN C 187 -0.23 -43.04 -25.13
N LYS C 188 -0.53 -44.20 -25.70
CA LYS C 188 -1.67 -44.29 -26.61
C LYS C 188 -2.98 -43.96 -25.89
N ALA C 189 -3.18 -44.55 -24.70
CA ALA C 189 -4.33 -44.20 -23.87
C ALA C 189 -4.27 -42.76 -23.36
N CYS C 190 -3.10 -42.11 -23.43
CA CYS C 190 -2.94 -40.72 -23.03
C CYS C 190 -2.93 -39.77 -24.22
N ALA C 191 -3.58 -40.17 -25.32
CA ALA C 191 -3.62 -39.39 -26.55
C ALA C 191 -2.22 -39.01 -27.02
N GLY C 192 -1.23 -39.88 -26.79
CA GLY C 192 0.13 -39.62 -27.21
C GLY C 192 0.77 -38.44 -26.53
N LYS C 193 0.38 -38.14 -25.29
CA LYS C 193 0.89 -36.99 -24.56
C LYS C 193 1.76 -37.38 -23.37
N LEU C 194 1.85 -38.67 -23.04
CA LEU C 194 2.69 -39.10 -21.93
C LEU C 194 4.17 -38.93 -22.27
N VAL C 195 4.59 -39.48 -23.41
CA VAL C 195 6.00 -39.36 -23.82
C VAL C 195 6.41 -37.90 -23.97
N PRO C 196 5.63 -37.01 -24.59
CA PRO C 196 6.01 -35.58 -24.58
C PRO C 196 6.15 -35.02 -23.18
N ALA C 197 5.25 -35.38 -22.26
CA ALA C 197 5.33 -34.86 -20.90
C ALA C 197 6.59 -35.36 -20.19
N VAL C 198 6.98 -36.61 -20.44
CA VAL C 198 8.20 -37.15 -19.83
C VAL C 198 9.42 -36.39 -20.33
N LYS C 199 9.50 -36.15 -21.64
CA LYS C 199 10.63 -35.41 -22.19
C LYS C 199 10.66 -33.97 -21.68
N LEU C 200 9.48 -33.34 -21.54
CA LEU C 200 9.43 -32.01 -20.95
C LEU C 200 9.90 -32.02 -19.50
N ALA C 201 9.52 -33.06 -18.74
CA ALA C 201 9.96 -33.15 -17.36
C ALA C 201 11.46 -33.33 -17.26
N LYS C 202 12.03 -34.21 -18.08
CA LYS C 202 13.48 -34.40 -18.10
C LYS C 202 14.19 -33.12 -18.53
N ALA C 203 13.58 -32.36 -19.44
CA ALA C 203 14.18 -31.09 -19.85
C ALA C 203 14.18 -30.08 -18.70
N VAL C 204 13.11 -30.05 -17.91
CA VAL C 204 13.05 -29.15 -16.77
C VAL C 204 14.06 -29.57 -15.71
N ILE C 205 14.13 -30.87 -15.42
CA ILE C 205 15.09 -31.38 -14.44
C ILE C 205 16.52 -31.10 -14.88
N ALA C 206 16.77 -31.11 -16.20
CA ALA C 206 18.11 -30.85 -16.70
C ALA C 206 18.55 -29.42 -16.42
N GLN C 207 17.62 -28.47 -16.41
CA GLN C 207 17.95 -27.08 -16.13
C GLN C 207 18.32 -26.85 -14.67
N LEU C 208 18.04 -27.80 -13.79
CA LEU C 208 18.34 -27.62 -12.37
C LEU C 208 19.84 -27.56 -12.13
N PRO C 209 20.35 -26.50 -11.50
CA PRO C 209 21.77 -26.50 -11.12
C PRO C 209 22.12 -27.57 -10.11
N ASP C 210 21.15 -28.03 -9.33
CA ASP C 210 21.37 -29.07 -8.33
C ASP C 210 21.68 -30.40 -9.00
N ALA C 211 22.20 -31.33 -8.22
CA ALA C 211 22.56 -32.64 -8.74
C ALA C 211 21.32 -33.52 -8.81
N HIS C 212 20.85 -33.80 -10.02
CA HIS C 212 19.75 -34.72 -10.23
C HIS C 212 20.26 -36.16 -10.28
N GLN C 213 19.55 -37.06 -9.60
CA GLN C 213 20.00 -38.42 -9.43
C GLN C 213 19.07 -39.45 -10.05
N LEU C 214 17.93 -39.05 -10.61
CA LEU C 214 16.95 -39.99 -11.13
C LEU C 214 17.27 -40.34 -12.58
N SER C 215 17.25 -41.63 -12.88
CA SER C 215 17.53 -42.12 -14.22
C SER C 215 16.33 -41.92 -15.15
N GLY C 216 16.59 -42.06 -16.44
CA GLY C 216 15.51 -41.92 -17.41
C GLY C 216 14.47 -43.03 -17.29
N TYR C 217 14.90 -44.24 -16.95
CA TYR C 217 13.97 -45.33 -16.75
C TYR C 217 13.04 -45.06 -15.56
N HIS C 218 13.61 -44.58 -14.46
CA HIS C 218 12.83 -44.33 -13.25
C HIS C 218 11.83 -43.20 -13.46
N ILE C 219 12.23 -42.15 -14.18
CA ILE C 219 11.32 -41.05 -14.48
C ILE C 219 10.15 -41.54 -15.31
N GLU C 220 10.44 -42.40 -16.30
CA GLU C 220 9.38 -42.99 -17.11
C GLU C 220 8.49 -43.88 -16.26
N SER C 221 9.09 -44.61 -15.32
CA SER C 221 8.31 -45.45 -14.41
C SER C 221 7.44 -44.60 -13.50
N LEU C 222 7.97 -43.47 -13.01
CA LEU C 222 7.18 -42.56 -12.20
C LEU C 222 6.00 -41.99 -12.98
N ALA C 223 6.21 -41.70 -14.27
CA ALA C 223 5.14 -41.12 -15.08
C ALA C 223 4.02 -42.12 -15.31
N ILE C 224 4.35 -43.39 -15.48
CA ILE C 224 3.32 -44.42 -15.62
C ILE C 224 2.47 -44.48 -14.37
N ASP C 225 3.11 -44.46 -13.19
CA ASP C 225 2.38 -44.49 -11.93
C ASP C 225 1.55 -43.22 -11.73
N ALA C 226 1.98 -42.10 -12.31
CA ALA C 226 1.26 -40.84 -12.11
C ALA C 226 -0.01 -40.78 -12.95
N PHE C 227 0.08 -41.16 -14.22
CA PHE C 227 -1.01 -40.99 -15.18
C PHE C 227 -1.89 -42.23 -15.32
N ARG C 228 -1.73 -43.23 -14.44
CA ARG C 228 -2.67 -44.35 -14.45
C ARG C 228 -4.07 -43.91 -14.05
N ASN C 229 -4.19 -43.07 -13.02
CA ASN C 229 -5.47 -42.58 -12.54
C ASN C 229 -5.56 -41.07 -12.70
N TYR C 230 -5.14 -40.57 -13.86
CA TYR C 230 -5.14 -39.13 -14.13
C TYR C 230 -6.43 -38.75 -14.86
N THR C 231 -7.22 -37.87 -14.24
CA THR C 231 -8.49 -37.44 -14.79
C THR C 231 -8.47 -35.97 -15.20
N GLY C 232 -7.29 -35.35 -15.27
CA GLY C 232 -7.18 -33.96 -15.64
C GLY C 232 -7.22 -33.73 -17.14
N THR C 233 -6.87 -32.51 -17.53
CA THR C 233 -6.88 -32.14 -18.93
C THR C 233 -5.73 -32.79 -19.67
N MET C 234 -5.99 -33.24 -20.90
CA MET C 234 -5.00 -33.93 -21.71
C MET C 234 -4.08 -32.95 -22.44
N THR C 235 -3.57 -31.97 -21.71
CA THR C 235 -2.63 -30.99 -22.25
C THR C 235 -1.33 -31.06 -21.46
N PRO C 236 -0.19 -30.75 -22.10
CA PRO C 236 1.07 -30.74 -21.35
C PRO C 236 1.10 -29.71 -20.24
N ALA C 237 0.33 -28.62 -20.38
CA ALA C 237 0.30 -27.59 -19.34
C ALA C 237 -0.30 -28.13 -18.05
N ALA C 238 -1.15 -29.16 -18.13
CA ALA C 238 -1.74 -29.77 -16.94
C ALA C 238 -1.10 -31.10 -16.58
N MET C 239 -0.56 -31.82 -17.57
CA MET C 239 0.05 -33.11 -17.31
C MET C 239 1.44 -32.95 -16.67
N LEU C 240 2.22 -31.99 -17.15
CA LEU C 240 3.56 -31.79 -16.60
C LEU C 240 3.55 -31.44 -15.11
N PRO C 241 2.69 -30.53 -14.62
CA PRO C 241 2.66 -30.32 -13.15
C PRO C 241 2.19 -31.54 -12.38
N HIS C 242 1.31 -32.35 -12.96
CA HIS C 242 0.84 -33.54 -12.25
C HIS C 242 1.96 -34.53 -12.01
N PHE C 243 2.90 -34.64 -12.95
CA PHE C 243 4.01 -35.57 -12.79
C PHE C 243 4.86 -35.21 -11.58
N PHE C 244 5.24 -33.93 -11.46
CA PHE C 244 6.12 -33.54 -10.37
C PHE C 244 5.39 -33.55 -9.02
N GLU C 245 4.10 -33.25 -9.00
CA GLU C 245 3.35 -33.32 -7.76
C GLU C 245 3.09 -34.76 -7.34
N HIS C 246 3.07 -35.70 -8.29
CA HIS C 246 2.92 -37.11 -7.98
C HIS C 246 4.27 -37.76 -7.68
N ALA C 247 5.31 -37.43 -8.48
CA ALA C 247 6.61 -38.06 -8.30
C ALA C 247 7.29 -37.63 -7.01
N LYS C 248 6.96 -36.44 -6.49
CA LYS C 248 7.56 -35.99 -5.23
C LYS C 248 7.20 -36.91 -4.07
N GLU C 249 6.10 -37.64 -4.16
CA GLU C 249 5.69 -38.58 -3.14
C GLU C 249 6.02 -40.02 -3.51
N ARG C 250 5.91 -40.37 -4.79
CA ARG C 250 6.17 -41.73 -5.22
C ARG C 250 7.64 -42.09 -5.17
N VAL C 251 8.53 -41.12 -5.37
CA VAL C 251 9.97 -41.38 -5.36
C VAL C 251 10.48 -41.80 -3.99
N LEU C 252 9.71 -41.56 -2.92
CA LEU C 252 10.15 -41.93 -1.58
C LEU C 252 10.00 -43.41 -1.29
N ARG C 253 9.23 -44.13 -2.10
CA ARG C 253 9.01 -45.56 -1.94
C ARG C 253 9.47 -46.33 -3.18
N PRO C 254 9.93 -47.57 -3.01
CA PRO C 254 10.37 -48.36 -4.16
C PRO C 254 9.27 -48.53 -5.20
N MET C 255 9.66 -48.46 -6.46
CA MET C 255 8.68 -48.48 -7.54
C MET C 255 8.09 -49.88 -7.71
N THR C 256 6.78 -49.93 -7.93
CA THR C 256 6.06 -51.18 -8.06
C THR C 256 4.98 -51.02 -9.13
N ASP C 257 4.34 -52.14 -9.45
CA ASP C 257 3.21 -52.11 -10.38
C ASP C 257 1.92 -51.98 -9.58
N ARG C 258 0.78 -52.29 -10.20
CA ARG C 258 -0.50 -52.13 -9.51
C ARG C 258 -0.70 -53.16 -8.41
N THR C 259 -0.10 -54.35 -8.54
CA THR C 259 -0.35 -55.45 -7.61
C THR C 259 0.69 -55.53 -6.49
N GLY C 260 1.66 -54.63 -6.46
CA GLY C 260 2.64 -54.63 -5.39
C GLY C 260 3.92 -55.38 -5.72
N GLN C 261 4.19 -55.61 -7.00
CA GLN C 261 5.37 -56.35 -7.43
C GLN C 261 6.41 -55.36 -7.94
N SER C 262 7.66 -55.55 -7.50
CA SER C 262 8.76 -54.71 -7.94
C SER C 262 8.93 -54.76 -9.46
N VAL C 263 9.18 -53.59 -10.05
CA VAL C 263 9.52 -53.49 -11.47
C VAL C 263 11.02 -53.30 -11.68
N HIS C 264 11.80 -53.22 -10.60
CA HIS C 264 13.26 -53.23 -10.66
C HIS C 264 13.82 -52.02 -11.42
N VAL C 265 13.28 -50.85 -11.10
CA VAL C 265 13.76 -49.60 -11.67
C VAL C 265 14.29 -48.65 -10.61
N ASP C 266 13.98 -48.87 -9.33
CA ASP C 266 14.26 -47.93 -8.25
C ASP C 266 15.31 -48.45 -7.28
N GLY C 267 16.02 -49.53 -7.62
CA GLY C 267 16.99 -50.09 -6.69
C GLY C 267 18.17 -49.19 -6.40
N TYR C 268 18.58 -48.34 -7.36
CA TYR C 268 19.70 -47.45 -7.11
C TYR C 268 19.40 -46.36 -6.10
N MET C 269 18.13 -46.10 -5.81
CA MET C 269 17.77 -45.04 -4.88
C MET C 269 17.71 -45.52 -3.43
N GLY C 270 18.25 -46.70 -3.15
CA GLY C 270 18.27 -47.22 -1.80
C GLY C 270 16.89 -47.65 -1.31
N ASP C 271 16.79 -47.82 0.00
CA ASP C 271 15.54 -48.25 0.61
C ASP C 271 14.54 -47.10 0.64
N ALA C 272 13.32 -47.41 1.09
CA ALA C 272 12.28 -46.39 1.17
C ALA C 272 12.66 -45.31 2.17
N HIS C 273 12.29 -44.07 1.84
CA HIS C 273 12.53 -42.90 2.68
C HIS C 273 14.02 -42.69 2.97
N SER C 274 14.86 -43.05 2.00
CA SER C 274 16.30 -42.84 2.15
C SER C 274 16.64 -41.38 1.89
N ASP C 275 17.88 -41.02 2.23
CA ASP C 275 18.33 -39.64 2.00
C ASP C 275 18.32 -39.29 0.52
N ALA C 276 18.66 -40.26 -0.34
CA ALA C 276 18.64 -39.99 -1.77
C ALA C 276 17.22 -39.73 -2.27
N ARG C 277 16.25 -40.50 -1.76
CA ARG C 277 14.86 -40.27 -2.16
C ARG C 277 14.32 -38.97 -1.61
N LYS C 278 14.75 -38.58 -0.40
CA LYS C 278 14.28 -37.33 0.17
C LYS C 278 14.84 -36.13 -0.60
N THR C 279 16.10 -36.22 -1.02
CA THR C 279 16.68 -35.15 -1.84
C THR C 279 15.96 -35.03 -3.18
N ALA C 280 15.64 -36.17 -3.80
CA ALA C 280 14.89 -36.13 -5.04
C ALA C 280 13.49 -35.58 -4.84
N SER C 281 12.85 -35.92 -3.71
CA SER C 281 11.51 -35.43 -3.44
C SER C 281 11.48 -33.91 -3.31
N HIS C 282 12.50 -33.34 -2.67
CA HIS C 282 12.52 -31.89 -2.52
C HIS C 282 12.78 -31.19 -3.85
N LEU C 283 13.64 -31.76 -4.70
CA LEU C 283 13.88 -31.17 -6.01
C LEU C 283 12.63 -31.25 -6.88
N LEU C 284 11.95 -32.39 -6.87
CA LEU C 284 10.70 -32.50 -7.62
C LEU C 284 9.61 -31.62 -7.02
N GLY C 285 9.66 -31.40 -5.70
CA GLY C 285 8.67 -30.57 -5.06
C GLY C 285 8.85 -29.09 -5.37
N ARG C 286 10.09 -28.63 -5.40
CA ARG C 286 10.34 -27.24 -5.75
C ARG C 286 9.94 -26.94 -7.19
N LEU C 287 10.13 -27.90 -8.10
CA LEU C 287 9.66 -27.73 -9.46
C LEU C 287 8.13 -27.72 -9.52
N ALA C 288 7.48 -28.50 -8.65
CA ALA C 288 6.03 -28.49 -8.60
C ALA C 288 5.50 -27.16 -8.07
N LYS C 289 6.20 -26.58 -7.09
CA LYS C 289 5.79 -25.27 -6.56
C LYS C 289 6.01 -24.17 -7.58
N ARG C 290 7.15 -24.20 -8.28
CA ARG C 290 7.43 -23.18 -9.29
C ARG C 290 6.40 -23.22 -10.41
N MET C 291 5.93 -24.41 -10.77
CA MET C 291 4.92 -24.52 -11.82
C MET C 291 3.57 -24.00 -11.36
N ALA C 292 3.19 -24.30 -10.11
CA ALA C 292 1.91 -23.83 -9.60
C ALA C 292 1.92 -22.33 -9.37
N ASN C 293 3.07 -21.77 -8.95
CA ASN C 293 3.17 -20.34 -8.72
C ASN C 293 3.28 -19.56 -10.03
N ALA C 294 3.91 -20.13 -11.05
CA ALA C 294 3.97 -19.46 -12.35
C ALA C 294 2.60 -19.40 -13.00
N THR C 295 1.81 -20.48 -12.87
CA THR C 295 0.47 -20.48 -13.43
C THR C 295 -0.46 -19.56 -12.65
N ALA C 296 -0.38 -19.59 -11.32
CA ALA C 296 -1.25 -18.75 -10.50
C ALA C 296 -0.97 -17.27 -10.70
N ALA C 297 0.30 -16.91 -10.92
CA ALA C 297 0.69 -15.53 -11.18
C ALA C 297 0.56 -15.14 -12.65
N ARG C 298 0.16 -16.08 -13.52
CA ARG C 298 0.08 -15.84 -14.97
C ARG C 298 1.41 -15.36 -15.52
N SER C 299 2.50 -15.93 -15.02
CA SER C 299 3.85 -15.53 -15.42
C SER C 299 4.35 -16.47 -16.50
N LEU C 300 4.24 -16.04 -17.75
CA LEU C 300 4.86 -16.78 -18.85
C LEU C 300 6.39 -16.81 -18.75
N PRO C 301 7.08 -15.73 -18.41
CA PRO C 301 8.55 -15.83 -18.28
C PRO C 301 9.01 -16.84 -17.24
N GLN C 302 8.26 -17.05 -16.17
CA GLN C 302 8.64 -18.07 -15.19
C GLN C 302 8.51 -19.47 -15.78
N TRP C 303 7.49 -19.70 -16.60
CA TRP C 303 7.37 -20.98 -17.27
C TRP C 303 8.47 -21.17 -18.30
N GLU C 304 8.90 -20.10 -18.96
CA GLU C 304 9.97 -20.21 -19.94
C GLU C 304 11.29 -20.58 -19.29
N ASP C 305 11.59 -19.97 -18.13
CA ASP C 305 12.84 -20.27 -17.44
C ASP C 305 12.89 -21.71 -16.94
N LEU C 306 11.74 -22.35 -16.75
CA LEU C 306 11.74 -23.75 -16.33
C LEU C 306 12.35 -24.66 -17.40
N PHE C 307 12.20 -24.30 -18.67
CA PHE C 307 12.78 -25.06 -19.77
C PHE C 307 14.09 -24.47 -20.26
N GLY C 308 14.53 -23.35 -19.71
CA GLY C 308 15.78 -22.73 -20.11
C GLY C 308 15.60 -21.40 -20.82
N GLY D 1 16.17 -3.44 12.49
CA GLY D 1 15.74 -2.06 12.57
C GLY D 1 16.79 -1.15 13.18
N GLY D 2 16.36 0.05 13.57
CA GLY D 2 17.23 1.04 14.16
C GLY D 2 16.49 2.05 15.01
N SER D 3 17.23 2.82 15.81
CA SER D 3 16.64 3.80 16.70
C SER D 3 16.18 4.99 15.87
N GLY D 4 14.88 5.23 15.85
CA GLY D 4 14.31 6.32 15.09
C GLY D 4 12.88 6.03 14.69
N GLY D 5 12.13 7.10 14.42
CA GLY D 5 10.74 6.97 14.02
C GLY D 5 9.83 7.94 14.76
N SER D 6 10.43 8.88 15.48
CA SER D 6 9.64 9.90 16.16
C SER D 6 8.93 10.80 15.16
N PHE D 7 7.79 11.34 15.57
CA PHE D 7 6.98 12.16 14.67
C PHE D 7 7.74 13.40 14.22
N GLY D 8 8.52 14.00 15.10
CA GLY D 8 9.24 15.21 14.79
C GLY D 8 10.74 15.05 14.88
N SER D 9 11.20 13.81 15.08
CA SER D 9 12.63 13.51 15.26
C SER D 9 13.24 14.34 16.38
N GLY D 10 12.47 14.55 17.44
CA GLY D 10 12.89 15.36 18.56
C GLY D 10 12.77 16.86 18.37
N PHE D 11 12.01 17.31 17.38
CA PHE D 11 11.76 18.73 17.17
C PHE D 11 10.44 19.16 17.80
N ASP D 12 10.26 20.47 17.87
CA ASP D 12 8.97 21.03 18.24
C ASP D 12 7.97 20.76 17.11
N PRO D 13 6.80 20.20 17.41
CA PRO D 13 5.85 19.88 16.35
C PRO D 13 5.44 21.06 15.47
N ARG D 14 5.42 22.28 16.03
CA ARG D 14 5.08 23.43 15.21
C ARG D 14 6.25 23.89 14.35
N ASP D 15 7.48 23.60 14.78
CA ASP D 15 8.62 23.88 13.90
C ASP D 15 8.64 22.94 12.71
N ILE D 16 8.23 21.68 12.93
CA ILE D 16 8.10 20.74 11.83
C ILE D 16 7.00 21.18 10.87
N SER D 17 5.87 21.63 11.43
CA SER D 17 4.79 22.14 10.59
C SER D 17 5.23 23.35 9.78
N ARG D 18 6.04 24.21 10.38
CA ARG D 18 6.51 25.40 9.68
C ARG D 18 7.47 25.03 8.54
N GLN D 19 8.35 24.06 8.77
CA GLN D 19 9.28 23.64 7.73
C GLN D 19 8.55 23.00 6.55
N VAL D 20 7.54 22.18 6.84
CA VAL D 20 6.79 21.52 5.77
C VAL D 20 5.99 22.56 4.97
N ARG D 21 5.25 23.42 5.68
CA ARG D 21 4.39 24.38 5.01
C ARG D 21 5.18 25.44 4.25
N ASP D 22 6.37 25.81 4.75
CA ASP D 22 7.21 26.75 4.00
C ASP D 22 7.70 26.12 2.71
N ALA D 23 8.10 24.84 2.74
CA ALA D 23 8.56 24.18 1.53
C ALA D 23 7.43 24.04 0.51
N GLU D 24 6.19 23.86 0.97
CA GLU D 24 5.06 23.80 0.05
C GLU D 24 4.84 25.16 -0.62
N LYS D 25 4.89 26.23 0.17
CA LYS D 25 4.63 27.57 -0.35
C LYS D 25 5.73 28.06 -1.29
N LYS D 26 6.89 27.40 -1.32
CA LYS D 26 8.01 27.87 -2.11
C LYS D 26 8.05 27.27 -3.51
N LEU D 27 7.42 26.12 -3.72
CA LEU D 27 7.29 25.54 -5.04
C LEU D 27 5.90 25.85 -5.59
N GLY D 28 5.82 26.09 -6.89
CA GLY D 28 4.56 26.45 -7.51
C GLY D 28 4.36 25.73 -8.81
N ASP D 29 3.09 25.51 -9.15
CA ASP D 29 2.70 24.88 -10.41
C ASP D 29 2.17 25.97 -11.34
N GLU D 30 2.86 26.15 -12.47
CA GLU D 30 2.50 27.22 -13.40
C GLU D 30 1.10 27.03 -13.97
N ALA D 31 0.68 25.78 -14.18
CA ALA D 31 -0.65 25.52 -14.71
C ALA D 31 -1.73 25.94 -13.72
N PHE D 32 -1.62 25.47 -12.47
CA PHE D 32 -2.60 25.83 -11.46
C PHE D 32 -2.60 27.32 -11.16
N GLY D 33 -1.44 27.97 -11.23
CA GLY D 33 -1.39 29.41 -11.03
C GLY D 33 -2.17 30.17 -12.07
N ALA D 34 -2.10 29.70 -13.33
CA ALA D 34 -2.88 30.32 -14.40
C ALA D 34 -4.37 30.07 -14.21
N LYS D 35 -4.74 28.90 -13.70
CA LYS D 35 -6.15 28.61 -13.45
C LYS D 35 -6.71 29.55 -12.39
N ILE D 36 -5.94 29.84 -11.35
CA ILE D 36 -6.40 30.74 -10.29
C ILE D 36 -6.50 32.17 -10.82
N ALA D 37 -5.51 32.59 -11.61
CA ALA D 37 -5.56 33.93 -12.19
C ALA D 37 -6.77 34.10 -13.10
N ASP D 38 -7.10 33.07 -13.87
CA ASP D 38 -8.30 33.13 -14.71
C ASP D 38 -9.57 33.22 -13.85
N LEU D 39 -9.57 32.58 -12.69
CA LEU D 39 -10.71 32.67 -11.80
C LEU D 39 -10.88 34.08 -11.25
N PHE D 40 -9.79 34.68 -10.73
CA PHE D 40 -9.89 35.99 -10.11
C PHE D 40 -10.16 37.09 -11.13
N THR D 41 -9.61 36.98 -12.33
CA THR D 41 -9.89 37.98 -13.35
C THR D 41 -11.36 38.01 -13.73
N GLY D 42 -12.02 36.85 -13.70
CA GLY D 42 -13.45 36.83 -13.94
C GLY D 42 -14.25 37.37 -12.77
N LEU D 43 -13.83 37.02 -11.54
CA LEU D 43 -14.52 37.54 -10.36
C LEU D 43 -14.34 39.05 -10.22
N LEU D 44 -13.22 39.59 -10.68
CA LEU D 44 -12.96 41.03 -10.64
C LEU D 44 -13.22 41.69 -11.99
N GLY D 45 -13.91 41.01 -12.90
CA GLY D 45 -14.12 41.57 -14.23
C GLY D 45 -15.04 42.76 -14.23
N ASP D 46 -16.16 42.66 -13.50
CA ASP D 46 -17.12 43.76 -13.44
C ASP D 46 -16.56 44.97 -12.70
N TYR D 47 -15.57 44.78 -11.81
CA TYR D 47 -14.98 45.89 -11.09
C TYR D 47 -13.89 46.56 -11.92
N ASN D 48 -12.98 45.77 -12.47
CA ASN D 48 -11.86 46.32 -13.23
C ASN D 48 -12.28 46.92 -14.56
N ASN D 49 -13.47 46.56 -15.06
CA ASN D 49 -13.97 47.08 -16.33
C ASN D 49 -15.15 48.03 -16.10
N ARG D 50 -15.19 48.68 -14.94
CA ARG D 50 -16.22 49.65 -14.64
C ARG D 50 -15.81 51.01 -15.19
N ASP D 51 -16.74 51.69 -15.86
CA ASP D 51 -16.43 52.98 -16.49
C ASP D 51 -16.38 54.04 -15.37
N THR D 52 -15.26 54.05 -14.65
CA THR D 52 -15.12 54.93 -13.50
C THR D 52 -15.14 56.40 -13.91
N SER D 53 -14.64 56.73 -15.10
CA SER D 53 -14.71 58.10 -15.57
C SER D 53 -16.16 58.54 -15.77
N LEU D 54 -17.00 57.63 -16.31
CA LEU D 54 -18.42 57.93 -16.45
C LEU D 54 -19.11 57.99 -15.09
N VAL D 55 -18.63 57.21 -14.12
CA VAL D 55 -19.23 57.26 -12.78
C VAL D 55 -19.08 58.65 -12.17
N ARG D 56 -17.87 59.22 -12.26
CA ARG D 56 -17.66 60.54 -11.67
C ARG D 56 -18.40 61.62 -12.43
N GLN D 57 -18.43 61.56 -13.76
CA GLN D 57 -19.15 62.59 -14.51
C GLN D 57 -20.65 62.48 -14.27
N ARG D 58 -21.19 61.27 -14.24
CA ARG D 58 -22.61 61.12 -13.92
C ARG D 58 -22.90 61.59 -12.51
N ILE D 59 -21.93 61.45 -11.59
CA ILE D 59 -22.09 61.98 -10.25
C ILE D 59 -22.06 63.50 -10.27
N ASP D 60 -21.11 64.08 -11.01
CA ASP D 60 -21.07 65.53 -11.15
C ASP D 60 -22.27 66.05 -11.93
N ASP D 61 -22.81 65.26 -12.85
CA ASP D 61 -24.00 65.68 -13.58
C ASP D 61 -25.23 65.71 -12.68
N MET D 62 -25.25 64.86 -11.65
CA MET D 62 -26.38 64.86 -10.71
C MET D 62 -26.13 65.74 -9.50
N LEU D 63 -24.88 66.11 -9.23
CA LEU D 63 -24.54 66.94 -8.07
C LEU D 63 -24.07 68.32 -8.52
N GLU D 71 -19.88 66.37 -4.66
CA GLU D 71 -19.25 65.07 -4.49
C GLU D 71 -18.60 65.03 -3.10
N GLY D 72 -17.49 64.31 -2.96
CA GLY D 72 -16.80 64.19 -1.70
C GLY D 72 -15.41 64.81 -1.77
N GLU D 73 -14.80 64.97 -0.61
CA GLU D 73 -13.45 65.54 -0.56
C GLU D 73 -12.45 64.59 -1.21
N LEU D 74 -12.37 63.37 -0.70
CA LEU D 74 -11.49 62.34 -1.26
C LEU D 74 -12.24 61.53 -2.32
N ASP D 75 -11.58 61.29 -3.45
CA ASP D 75 -12.18 60.53 -4.53
C ASP D 75 -12.18 59.05 -4.18
N LEU D 76 -13.36 58.43 -4.25
CA LEU D 76 -13.50 57.02 -3.89
C LEU D 76 -13.77 56.16 -5.13
N VAL D 77 -15.01 56.22 -5.63
CA VAL D 77 -15.46 55.43 -6.78
C VAL D 77 -15.12 53.97 -6.56
N PHE D 78 -15.22 53.52 -5.31
CA PHE D 78 -14.98 52.12 -4.97
C PHE D 78 -16.19 51.24 -5.22
N GLY D 79 -17.29 51.81 -5.73
CA GLY D 79 -18.43 51.00 -6.09
C GLY D 79 -18.14 50.01 -7.19
N GLY D 80 -19.00 49.01 -7.31
CA GLY D 80 -18.81 47.93 -8.26
C GLY D 80 -18.96 46.58 -7.58
N SER D 81 -19.44 45.60 -8.33
CA SER D 81 -19.69 44.27 -7.80
C SER D 81 -18.50 43.37 -8.06
N VAL D 82 -18.20 42.49 -7.12
CA VAL D 82 -17.12 41.52 -7.23
C VAL D 82 -17.62 40.15 -6.81
N ALA D 83 -17.25 39.11 -7.57
CA ALA D 83 -17.59 37.72 -7.26
C ALA D 83 -19.10 37.54 -7.05
N LYS D 84 -19.89 38.30 -7.82
CA LYS D 84 -21.34 38.25 -7.79
C LYS D 84 -21.91 38.65 -6.44
N ARG D 85 -21.16 39.44 -5.67
CA ARG D 85 -21.64 40.00 -4.42
C ARG D 85 -22.23 41.38 -4.69
N THR D 86 -23.53 41.52 -4.43
CA THR D 86 -24.23 42.78 -4.69
C THR D 86 -24.61 43.45 -3.37
N TYR D 87 -23.65 43.63 -2.48
CA TYR D 87 -23.91 44.19 -1.16
C TYR D 87 -23.08 45.44 -0.95
N VAL D 88 -23.66 46.40 -0.22
CA VAL D 88 -22.98 47.63 0.15
C VAL D 88 -22.96 47.71 1.69
N ASP D 89 -21.78 47.51 2.27
CA ASP D 89 -21.64 47.52 3.72
C ASP D 89 -20.44 48.34 4.21
N GLY D 90 -19.71 49.00 3.32
CA GLY D 90 -18.57 49.79 3.75
C GLY D 90 -18.16 50.77 2.68
N LEU D 91 -17.09 51.52 2.99
CA LEU D 91 -16.57 52.50 2.05
C LEU D 91 -15.96 51.86 0.80
N SER D 92 -15.56 50.59 0.89
CA SER D 92 -15.04 49.88 -0.28
C SER D 92 -16.12 49.55 -1.29
N ASP D 93 -17.39 49.82 -0.97
CA ASP D 93 -18.50 49.54 -1.86
C ASP D 93 -19.28 50.79 -2.26
N VAL D 94 -18.77 51.98 -1.95
CA VAL D 94 -19.45 53.22 -2.28
C VAL D 94 -18.64 53.99 -3.31
N ASP D 95 -19.33 54.83 -4.07
CA ASP D 95 -18.70 55.67 -5.07
C ASP D 95 -18.44 57.09 -4.61
N CYS D 96 -19.23 57.59 -3.66
CA CYS D 96 -19.07 58.94 -3.15
C CYS D 96 -19.88 59.07 -1.88
N LEU D 97 -19.50 60.05 -1.06
CA LEU D 97 -20.22 60.39 0.16
C LEU D 97 -20.99 61.67 -0.10
N VAL D 98 -22.32 61.57 -0.19
CA VAL D 98 -23.16 62.73 -0.43
C VAL D 98 -23.43 63.39 0.92
N ILE D 99 -22.86 64.58 1.12
CA ILE D 99 -22.86 65.26 2.42
C ILE D 99 -24.00 66.26 2.45
N VAL D 100 -24.82 66.19 3.49
CA VAL D 100 -25.91 67.14 3.70
C VAL D 100 -25.52 68.06 4.86
N ASN D 101 -25.96 69.31 4.77
CA ASN D 101 -25.64 70.33 5.75
C ASN D 101 -26.73 70.41 6.80
N ASP D 102 -26.32 70.56 8.06
CA ASP D 102 -27.25 70.68 9.17
C ASP D 102 -26.60 71.33 10.39
N PRO D 110 -29.98 59.42 10.89
CA PRO D 110 -29.17 58.80 9.81
C PRO D 110 -30.07 58.34 8.66
N HIS D 111 -31.15 57.64 8.98
CA HIS D 111 -32.10 57.23 7.95
C HIS D 111 -32.83 58.42 7.35
N ALA D 112 -32.79 59.58 8.01
CA ALA D 112 -33.42 60.78 7.47
C ALA D 112 -32.62 61.33 6.29
N ALA D 113 -31.29 61.40 6.43
CA ALA D 113 -30.46 61.87 5.32
C ALA D 113 -30.54 60.94 4.12
N ARG D 114 -30.72 59.64 4.35
CA ARG D 114 -30.84 58.70 3.25
C ARG D 114 -32.15 58.88 2.50
N ASP D 115 -33.26 58.99 3.23
CA ASP D 115 -34.55 59.18 2.57
C ASP D 115 -34.61 60.54 1.87
N LEU D 116 -33.91 61.54 2.41
CA LEU D 116 -33.88 62.86 1.79
C LEU D 116 -33.12 62.85 0.47
N VAL D 117 -31.89 62.36 0.46
CA VAL D 117 -31.07 62.31 -0.75
C VAL D 117 -31.74 61.51 -1.87
N ALA D 118 -32.48 60.46 -1.53
CA ALA D 118 -33.06 59.59 -2.55
C ALA D 118 -34.00 60.36 -3.48
N LYS D 119 -34.99 61.06 -2.91
CA LYS D 119 -35.96 61.75 -3.75
C LYS D 119 -35.31 62.88 -4.54
N GLU D 120 -34.37 63.59 -3.93
CA GLU D 120 -33.74 64.74 -4.57
C GLU D 120 -32.93 64.35 -5.80
N LEU D 121 -32.53 63.08 -5.91
CA LEU D 121 -31.82 62.64 -7.11
C LEU D 121 -32.78 62.39 -8.26
N ALA D 122 -34.02 61.99 -7.95
CA ALA D 122 -35.06 61.87 -8.96
C ALA D 122 -35.44 63.24 -9.54
N ALA D 123 -35.22 64.32 -8.78
CA ALA D 123 -35.50 65.66 -9.28
C ALA D 123 -34.53 66.04 -10.39
N LYS D 124 -33.27 65.62 -10.29
CA LYS D 124 -32.29 66.01 -11.30
C LYS D 124 -32.53 65.28 -12.63
N LEU D 125 -32.85 63.98 -12.57
CA LEU D 125 -33.16 63.20 -13.76
C LEU D 125 -34.27 62.21 -13.44
N ALA D 126 -35.04 61.86 -14.47
CA ALA D 126 -36.11 60.88 -14.32
C ALA D 126 -36.30 60.08 -15.61
N ALA D 129 -33.18 58.81 -14.84
CA ALA D 129 -32.53 57.68 -14.20
C ALA D 129 -33.36 57.15 -13.04
N GLU D 130 -33.09 55.92 -12.64
CA GLU D 130 -33.79 55.29 -11.53
C GLU D 130 -33.04 55.55 -10.22
N VAL D 131 -33.81 55.75 -9.15
CA VAL D 131 -33.26 56.01 -7.83
C VAL D 131 -33.85 55.00 -6.85
N SER D 132 -33.00 54.37 -6.04
CA SER D 132 -33.44 53.42 -5.04
C SER D 132 -32.58 53.56 -3.79
N ALA D 133 -33.20 53.29 -2.64
CA ALA D 133 -32.54 53.35 -1.33
C ALA D 133 -32.30 51.96 -0.78
N GLY D 134 -31.14 51.76 -0.17
CA GLY D 134 -30.78 50.52 0.47
C GLY D 134 -30.62 50.62 1.97
N LYS D 135 -29.98 49.61 2.54
CA LYS D 135 -29.70 49.58 3.98
C LYS D 135 -28.57 50.53 4.38
N LEU D 136 -27.68 50.90 3.45
CA LEU D 136 -26.52 51.72 3.79
C LEU D 136 -26.35 52.87 2.82
N ALA D 137 -26.47 52.59 1.53
CA ALA D 137 -26.20 53.58 0.49
C ALA D 137 -27.40 53.72 -0.43
N VAL D 138 -27.51 54.89 -1.04
CA VAL D 138 -28.51 55.14 -2.06
C VAL D 138 -27.93 54.74 -3.40
N THR D 139 -28.70 53.99 -4.19
CA THR D 139 -28.24 53.45 -5.46
C THR D 139 -28.96 54.13 -6.62
N VAL D 140 -28.18 54.57 -7.62
CA VAL D 140 -28.71 55.23 -8.81
C VAL D 140 -28.37 54.35 -10.00
N ARG D 141 -29.38 53.65 -10.52
CA ARG D 141 -29.22 52.80 -11.69
C ARG D 141 -29.45 53.59 -12.96
N TYR D 142 -28.64 53.32 -13.99
CA TYR D 142 -28.77 53.98 -15.28
C TYR D 142 -29.24 53.02 -16.37
N GLY D 143 -28.47 51.97 -16.65
CA GLY D 143 -28.83 51.01 -17.67
C GLY D 143 -28.66 51.56 -19.08
N MET D 146 -25.57 50.51 -15.18
CA MET D 146 -24.63 51.04 -14.20
C MET D 146 -25.36 51.51 -12.94
N GLU D 147 -24.88 51.06 -11.79
CA GLU D 147 -25.44 51.43 -10.49
C GLU D 147 -24.36 52.12 -9.67
N ILE D 148 -24.61 53.37 -9.28
CA ILE D 148 -23.68 54.17 -8.49
C ILE D 148 -24.16 54.21 -7.05
N GLN D 149 -23.25 53.91 -6.12
CA GLN D 149 -23.57 53.84 -4.70
C GLN D 149 -23.17 55.14 -4.01
N LEU D 150 -24.09 55.73 -3.25
CA LEU D 150 -23.86 57.00 -2.57
C LEU D 150 -24.16 56.84 -1.09
N LEU D 151 -23.18 57.18 -0.24
CA LEU D 151 -23.34 57.08 1.20
C LEU D 151 -23.74 58.43 1.79
N PRO D 152 -24.95 58.58 2.34
CA PRO D 152 -25.35 59.86 2.91
C PRO D 152 -24.63 60.18 4.22
N ALA D 153 -24.36 61.46 4.43
CA ALA D 153 -23.73 61.92 5.66
C ALA D 153 -24.20 63.34 5.99
N VAL D 154 -24.00 63.73 7.26
CA VAL D 154 -24.35 65.06 7.75
C VAL D 154 -23.16 65.65 8.50
N ARG D 155 -23.22 66.96 8.73
CA ARG D 155 -22.12 67.71 9.35
C ARG D 155 -22.48 68.10 10.79
N THR D 156 -21.55 67.84 11.71
CA THR D 156 -21.71 68.20 13.11
C THR D 156 -20.63 69.18 13.56
N GLY D 159 -16.65 67.59 12.82
CA GLY D 159 -16.39 66.89 11.58
C GLY D 159 -17.60 66.20 11.01
N VAL D 160 -17.35 65.27 10.08
CA VAL D 160 -18.41 64.53 9.43
C VAL D 160 -18.77 63.29 10.25
N LYS D 161 -19.98 62.78 10.06
CA LYS D 161 -20.42 61.53 10.67
C LYS D 161 -21.13 60.72 9.60
N ILE D 162 -20.69 59.49 9.39
CA ILE D 162 -21.26 58.59 8.39
C ILE D 162 -22.12 57.54 9.08
N PRO D 163 -23.08 56.92 8.39
CA PRO D 163 -23.97 55.97 9.06
C PRO D 163 -23.23 54.71 9.47
N SER D 164 -23.72 54.09 10.54
CA SER D 164 -23.14 52.84 10.99
C SER D 164 -23.48 51.71 10.02
N ALA D 165 -22.54 50.78 9.88
CA ALA D 165 -22.70 49.63 9.00
C ALA D 165 -23.57 48.55 9.61
N ARG D 166 -23.93 48.68 10.89
CA ARG D 166 -24.67 47.66 11.61
C ARG D 166 -26.12 48.09 11.80
N VAL D 167 -26.39 48.87 12.85
CA VAL D 167 -27.75 49.35 13.08
C VAL D 167 -28.06 50.46 12.09
N ASP D 168 -29.31 50.49 11.60
CA ASP D 168 -29.71 51.53 10.66
C ASP D 168 -29.72 52.90 11.32
N GLY D 169 -30.24 52.99 12.54
CA GLY D 169 -30.40 54.23 13.26
C GLY D 169 -29.21 54.72 14.08
N ARG D 170 -27.99 54.57 13.56
CA ARG D 170 -26.82 55.02 14.31
C ARG D 170 -25.76 55.55 13.36
N TRP D 171 -24.82 56.30 13.94
CA TRP D 171 -23.62 56.74 13.24
C TRP D 171 -22.49 55.77 13.56
N SER D 172 -21.54 55.67 12.62
CA SER D 172 -20.43 54.72 12.76
C SER D 172 -19.42 55.13 13.82
N GLU D 173 -19.52 56.35 14.36
CA GLU D 173 -18.64 56.87 15.41
C GLU D 173 -17.18 56.95 14.97
N ILE D 174 -16.89 56.61 13.72
CA ILE D 174 -15.54 56.72 13.16
C ILE D 174 -15.41 58.08 12.50
N ASP D 175 -14.18 58.60 12.46
CA ASP D 175 -13.91 59.80 11.68
C ASP D 175 -13.81 59.44 10.21
N PRO D 176 -14.80 59.84 9.39
CA PRO D 176 -14.76 59.49 7.97
C PRO D 176 -13.57 60.07 7.25
N GLY D 177 -12.96 61.13 7.79
CA GLY D 177 -11.75 61.66 7.21
C GLY D 177 -10.58 60.69 7.33
N LYS D 178 -10.32 60.19 8.54
CA LYS D 178 -9.27 59.19 8.74
C LYS D 178 -9.48 57.96 7.88
N PHE D 179 -10.69 57.37 7.94
CA PHE D 179 -10.95 56.13 7.21
C PHE D 179 -10.69 56.32 5.72
N GLN D 180 -11.29 57.35 5.12
CA GLN D 180 -11.07 57.62 3.71
C GLN D 180 -9.61 57.91 3.42
N GLN D 181 -8.90 58.56 4.35
CA GLN D 181 -7.48 58.84 4.17
C GLN D 181 -6.71 57.55 3.94
N ALA D 182 -6.88 56.56 4.84
CA ALA D 182 -6.17 55.30 4.72
C ALA D 182 -6.64 54.49 3.52
N LEU D 183 -7.97 54.32 3.39
CA LEU D 183 -8.51 53.45 2.35
C LEU D 183 -8.04 53.87 0.96
N THR D 184 -8.00 55.18 0.68
CA THR D 184 -7.53 55.62 -0.62
C THR D 184 -6.02 55.53 -0.74
N LYS D 185 -5.30 55.97 0.30
CA LYS D 185 -3.83 55.94 0.27
C LYS D 185 -3.30 54.51 0.21
N TYR D 186 -3.82 53.64 1.07
CA TYR D 186 -3.38 52.25 1.07
C TYR D 186 -3.71 51.56 -0.25
N ASN D 187 -4.96 51.69 -0.71
CA ASN D 187 -5.35 51.13 -2.00
C ASN D 187 -4.40 51.56 -3.11
N LYS D 188 -4.08 52.86 -3.19
CA LYS D 188 -3.08 53.31 -4.14
C LYS D 188 -1.73 52.66 -3.86
N ALA D 189 -1.33 52.62 -2.60
CA ALA D 189 -0.10 51.94 -2.24
C ALA D 189 -0.16 50.45 -2.54
N CYS D 190 -1.36 49.91 -2.75
CA CYS D 190 -1.55 48.52 -3.13
C CYS D 190 -1.88 48.38 -4.62
N ALA D 191 -1.47 49.36 -5.43
CA ALA D 191 -1.76 49.39 -6.87
C ALA D 191 -3.25 49.21 -7.16
N GLY D 192 -4.09 49.77 -6.29
CA GLY D 192 -5.52 49.65 -6.46
C GLY D 192 -6.05 48.24 -6.31
N LYS D 193 -5.39 47.41 -5.49
CA LYS D 193 -5.80 46.03 -5.29
C LYS D 193 -6.36 45.75 -3.90
N LEU D 194 -6.31 46.73 -2.99
CA LEU D 194 -6.85 46.53 -1.66
C LEU D 194 -8.37 46.42 -1.69
N VAL D 195 -9.04 47.41 -2.29
CA VAL D 195 -10.51 47.39 -2.37
C VAL D 195 -11.01 46.14 -3.08
N PRO D 196 -10.44 45.72 -4.22
CA PRO D 196 -10.89 44.43 -4.80
C PRO D 196 -10.69 43.24 -3.87
N ALA D 197 -9.56 43.20 -3.15
CA ALA D 197 -9.31 42.08 -2.25
C ALA D 197 -10.30 42.04 -1.09
N VAL D 198 -10.69 43.21 -0.58
CA VAL D 198 -11.68 43.27 0.50
C VAL D 198 -13.02 42.72 0.03
N LYS D 199 -13.44 43.12 -1.17
CA LYS D 199 -14.71 42.66 -1.71
C LYS D 199 -14.69 41.15 -1.95
N LEU D 200 -13.54 40.62 -2.39
CA LEU D 200 -13.39 39.17 -2.51
C LEU D 200 -13.49 38.51 -1.14
N ALA D 201 -12.89 39.13 -0.12
CA ALA D 201 -12.97 38.58 1.24
C ALA D 201 -14.40 38.59 1.75
N LYS D 202 -15.12 39.71 1.55
CA LYS D 202 -16.52 39.76 1.96
C LYS D 202 -17.37 38.74 1.21
N ALA D 203 -17.03 38.46 -0.04
CA ALA D 203 -17.74 37.42 -0.79
C ALA D 203 -17.50 36.05 -0.19
N VAL D 204 -16.26 35.78 0.25
CA VAL D 204 -15.94 34.50 0.87
C VAL D 204 -16.66 34.36 2.20
N ILE D 205 -16.63 35.41 3.03
CA ILE D 205 -17.31 35.36 4.32
C ILE D 205 -18.82 35.21 4.14
N ALA D 206 -19.37 35.78 3.07
CA ALA D 206 -20.81 35.68 2.84
C ALA D 206 -21.24 34.26 2.54
N GLN D 207 -20.40 33.47 1.86
CA GLN D 207 -20.74 32.09 1.56
C GLN D 207 -20.71 31.18 2.77
N LEU D 208 -20.11 31.62 3.87
CA LEU D 208 -20.03 30.78 5.07
C LEU D 208 -21.42 30.55 5.63
N PRO D 209 -21.84 29.30 5.84
CA PRO D 209 -23.14 29.07 6.48
C PRO D 209 -23.23 29.62 7.89
N ASP D 210 -22.09 29.78 8.57
CA ASP D 210 -22.11 30.36 9.90
C ASP D 210 -22.50 31.83 9.83
N ALA D 211 -22.84 32.39 10.99
CA ALA D 211 -23.28 33.77 11.08
C ALA D 211 -22.08 34.71 11.01
N HIS D 212 -22.03 35.52 9.95
CA HIS D 212 -20.97 36.50 9.83
C HIS D 212 -21.29 37.69 10.73
N GLN D 213 -20.29 38.10 11.52
CA GLN D 213 -20.50 39.09 12.57
C GLN D 213 -19.65 40.34 12.44
N LEU D 214 -18.73 40.39 11.48
CA LEU D 214 -17.86 41.54 11.29
C LEU D 214 -18.53 42.53 10.35
N SER D 215 -18.49 43.81 10.71
CA SER D 215 -19.10 44.84 9.90
C SER D 215 -18.22 45.15 8.69
N GLY D 216 -18.81 45.84 7.71
CA GLY D 216 -18.06 46.22 6.53
C GLY D 216 -16.96 47.21 6.84
N TYR D 217 -17.21 48.13 7.77
CA TYR D 217 -16.18 49.07 8.19
C TYR D 217 -15.03 48.35 8.89
N HIS D 218 -15.35 47.41 9.78
CA HIS D 218 -14.32 46.70 10.52
C HIS D 218 -13.47 45.83 9.60
N ILE D 219 -14.09 45.20 8.60
CA ILE D 219 -13.35 44.38 7.65
C ILE D 219 -12.37 45.24 6.86
N GLU D 220 -12.81 46.43 6.43
CA GLU D 220 -11.93 47.33 5.70
C GLU D 220 -10.77 47.81 6.58
N SER D 221 -11.03 48.09 7.86
CA SER D 221 -9.96 48.48 8.77
C SER D 221 -8.98 47.34 9.00
N LEU D 222 -9.49 46.11 9.11
CA LEU D 222 -8.63 44.94 9.27
C LEU D 222 -7.71 44.80 8.06
N ALA D 223 -8.22 45.08 6.86
CA ALA D 223 -7.40 44.98 5.66
C ALA D 223 -6.34 46.08 5.64
N ILE D 224 -6.68 47.27 6.13
CA ILE D 224 -5.70 48.36 6.21
C ILE D 224 -4.54 47.94 7.12
N ASP D 225 -4.86 47.40 8.29
CA ASP D 225 -3.82 46.93 9.20
C ASP D 225 -3.09 45.72 8.64
N ALA D 226 -3.75 44.94 7.79
CA ALA D 226 -3.15 43.74 7.25
C ALA D 226 -2.12 44.06 6.16
N PHE D 227 -2.49 44.94 5.23
CA PHE D 227 -1.63 45.21 4.09
C PHE D 227 -0.69 46.37 4.34
N ARG D 228 -0.67 46.92 5.55
CA ARG D 228 0.42 47.77 5.96
C ARG D 228 1.67 46.90 6.10
N ASN D 229 2.74 47.29 5.43
CA ASN D 229 4.00 46.52 5.43
C ASN D 229 3.85 45.20 4.70
N TYR D 230 3.17 45.23 3.55
CA TYR D 230 2.97 44.04 2.72
C TYR D 230 4.01 44.03 1.61
N THR D 231 4.87 43.02 1.59
CA THR D 231 5.92 42.91 0.61
C THR D 231 5.72 41.75 -0.37
N GLY D 232 4.53 41.15 -0.37
CA GLY D 232 4.25 40.05 -1.27
C GLY D 232 3.84 40.53 -2.65
N THR D 233 3.32 39.60 -3.44
CA THR D 233 2.90 39.93 -4.79
C THR D 233 1.59 40.72 -4.75
N MET D 234 1.49 41.74 -5.60
CA MET D 234 0.32 42.61 -5.63
C MET D 234 -0.79 42.00 -6.48
N THR D 235 -1.11 40.72 -6.23
CA THR D 235 -2.16 40.02 -6.94
C THR D 235 -3.24 39.54 -5.97
N PRO D 236 -4.49 39.46 -6.42
CA PRO D 236 -5.56 38.98 -5.52
C PRO D 236 -5.36 37.54 -5.07
N ALA D 237 -4.70 36.71 -5.88
CA ALA D 237 -4.47 35.32 -5.50
C ALA D 237 -3.55 35.22 -4.29
N ALA D 238 -2.69 36.20 -4.07
CA ALA D 238 -1.80 36.22 -2.92
C ALA D 238 -2.25 37.18 -1.83
N MET D 239 -2.97 38.24 -2.20
CA MET D 239 -3.43 39.22 -1.21
C MET D 239 -4.59 38.68 -0.40
N LEU D 240 -5.53 38.00 -1.04
CA LEU D 240 -6.68 37.46 -0.32
C LEU D 240 -6.29 36.49 0.79
N PRO D 241 -5.37 35.53 0.61
CA PRO D 241 -4.95 34.72 1.76
C PRO D 241 -4.26 35.52 2.85
N HIS D 242 -3.55 36.59 2.50
CA HIS D 242 -2.86 37.39 3.51
C HIS D 242 -3.85 38.08 4.45
N PHE D 243 -4.99 38.52 3.92
CA PHE D 243 -5.98 39.20 4.76
C PHE D 243 -6.49 38.28 5.86
N PHE D 244 -6.89 37.07 5.49
CA PHE D 244 -7.45 36.14 6.47
C PHE D 244 -6.38 35.63 7.43
N GLU D 245 -5.14 35.51 6.96
CA GLU D 245 -4.06 35.08 7.83
C GLU D 245 -3.68 36.17 8.83
N HIS D 246 -3.91 37.44 8.48
CA HIS D 246 -3.66 38.54 9.40
C HIS D 246 -4.86 38.85 10.29
N ALA D 247 -6.07 38.82 9.72
CA ALA D 247 -7.26 39.19 10.48
C ALA D 247 -7.59 38.18 11.57
N LYS D 248 -7.15 36.93 11.42
CA LYS D 248 -7.39 35.94 12.47
C LYS D 248 -6.71 36.29 13.77
N GLU D 249 -5.64 37.09 13.73
CA GLU D 249 -4.93 37.55 14.92
C GLU D 249 -5.30 38.98 15.31
N ARG D 250 -5.52 39.86 14.33
CA ARG D 250 -5.81 41.25 14.64
C ARG D 250 -7.22 41.43 15.20
N VAL D 251 -8.17 40.59 14.79
CA VAL D 251 -9.54 40.73 15.26
C VAL D 251 -9.67 40.41 16.74
N LEU D 252 -8.67 39.76 17.34
CA LEU D 252 -8.72 39.42 18.75
C LEU D 252 -8.41 40.61 19.65
N ARG D 253 -7.84 41.68 19.10
CA ARG D 253 -7.51 42.86 19.87
C ARG D 253 -8.26 44.06 19.31
N PRO D 254 -8.59 45.05 20.16
CA PRO D 254 -9.31 46.22 19.66
C PRO D 254 -8.51 46.92 18.57
N MET D 255 -9.22 47.35 17.53
CA MET D 255 -8.56 47.91 16.35
C MET D 255 -8.00 49.28 16.64
N THR D 256 -6.76 49.50 16.21
CA THR D 256 -6.04 50.75 16.40
C THR D 256 -5.18 51.01 15.18
N ASP D 257 -4.61 52.22 15.15
CA ASP D 257 -3.65 52.57 14.08
C ASP D 257 -2.27 52.50 14.72
N ARG D 258 -1.28 53.13 14.13
CA ARG D 258 0.08 53.03 14.68
C ARG D 258 0.21 53.79 16.00
N THR D 259 -0.18 55.06 16.03
CA THR D 259 -0.04 55.89 17.21
C THR D 259 -1.34 56.22 17.92
N GLY D 260 -2.49 55.81 17.38
CA GLY D 260 -3.78 56.04 17.99
C GLY D 260 -4.33 54.75 18.56
N GLN D 261 -4.99 54.85 19.72
CA GLN D 261 -5.49 53.69 20.43
C GLN D 261 -6.99 53.49 20.29
N SER D 262 -7.61 54.06 19.26
CA SER D 262 -9.03 53.81 19.04
C SER D 262 -9.42 54.28 17.65
N VAL D 263 -10.08 53.40 16.90
CA VAL D 263 -10.74 53.76 15.65
C VAL D 263 -12.25 53.69 15.76
N HIS D 264 -12.78 53.19 16.87
CA HIS D 264 -14.21 53.15 17.14
C HIS D 264 -14.96 52.37 16.07
N VAL D 265 -14.39 51.24 15.65
CA VAL D 265 -15.04 50.38 14.66
C VAL D 265 -15.29 48.96 15.18
N ASP D 266 -14.56 48.50 16.19
CA ASP D 266 -14.68 47.13 16.67
C ASP D 266 -15.16 47.07 18.11
N GLY D 267 -15.69 48.17 18.65
CA GLY D 267 -16.16 48.19 20.01
C GLY D 267 -17.30 47.21 20.25
N TYR D 268 -18.05 46.89 19.19
CA TYR D 268 -19.14 45.94 19.27
C TYR D 268 -18.66 44.52 19.54
N MET D 269 -17.36 44.27 19.34
CA MET D 269 -16.74 42.97 19.58
C MET D 269 -16.28 42.78 21.03
N GLY D 270 -16.72 43.65 21.94
CA GLY D 270 -16.36 43.46 23.33
C GLY D 270 -14.88 43.73 23.61
N ASP D 271 -14.44 43.22 24.76
CA ASP D 271 -13.06 43.40 25.19
C ASP D 271 -12.13 42.52 24.36
N ALA D 272 -10.83 42.68 24.59
CA ALA D 272 -9.84 41.88 23.88
C ALA D 272 -9.99 40.41 24.25
N HIS D 273 -9.80 39.54 23.27
CA HIS D 273 -9.89 38.08 23.46
C HIS D 273 -11.25 37.66 24.00
N SER D 274 -12.31 38.38 23.61
CA SER D 274 -13.66 38.03 24.02
C SER D 274 -14.17 36.85 23.20
N ASP D 275 -15.29 36.28 23.65
CA ASP D 275 -15.88 35.15 22.94
C ASP D 275 -16.29 35.53 21.52
N ALA D 276 -16.77 36.76 21.34
CA ALA D 276 -17.17 37.22 20.00
C ALA D 276 -15.95 37.34 19.08
N ARG D 277 -14.83 37.84 19.61
CA ARG D 277 -13.63 37.96 18.80
C ARG D 277 -13.02 36.59 18.49
N LYS D 278 -13.10 35.66 19.44
CA LYS D 278 -12.55 34.32 19.22
C LYS D 278 -13.36 33.56 18.18
N THR D 279 -14.69 33.72 18.19
CA THR D 279 -15.51 33.07 17.19
C THR D 279 -15.21 33.62 15.80
N ALA D 280 -15.03 34.93 15.68
CA ALA D 280 -14.67 35.52 14.40
C ALA D 280 -13.28 35.08 13.97
N SER D 281 -12.35 34.98 14.92
CA SER D 281 -10.99 34.55 14.60
C SER D 281 -10.99 33.12 14.05
N HIS D 282 -11.84 32.26 14.60
CA HIS D 282 -11.88 30.87 14.15
C HIS D 282 -12.44 30.77 12.73
N LEU D 283 -13.44 31.59 12.41
CA LEU D 283 -13.99 31.59 11.06
C LEU D 283 -12.98 32.14 10.05
N LEU D 284 -12.29 33.21 10.41
CA LEU D 284 -11.25 33.74 9.52
C LEU D 284 -10.08 32.78 9.41
N GLY D 285 -9.80 32.02 10.46
CA GLY D 285 -8.70 31.06 10.40
C GLY D 285 -9.02 29.86 9.53
N ARG D 286 -10.26 29.36 9.61
CA ARG D 286 -10.67 28.23 8.78
C ARG D 286 -10.64 28.60 7.31
N LEU D 287 -10.99 29.85 6.98
CA LEU D 287 -10.88 30.30 5.61
C LEU D 287 -9.43 30.40 5.17
N ALA D 288 -8.54 30.77 6.08
CA ALA D 288 -7.12 30.84 5.74
C ALA D 288 -6.53 29.45 5.50
N LYS D 289 -6.95 28.46 6.29
CA LYS D 289 -6.48 27.10 6.08
C LYS D 289 -7.05 26.50 4.79
N ARG D 290 -8.34 26.75 4.53
CA ARG D 290 -8.94 26.24 3.30
C ARG D 290 -8.26 26.81 2.07
N MET D 291 -7.85 28.08 2.13
CA MET D 291 -7.15 28.70 1.01
C MET D 291 -5.74 28.13 0.86
N ALA D 292 -5.06 27.90 1.99
CA ALA D 292 -3.71 27.33 1.92
C ALA D 292 -3.75 25.88 1.48
N ASN D 293 -4.78 25.14 1.88
CA ASN D 293 -4.91 23.74 1.47
C ASN D 293 -5.37 23.61 0.02
N ALA D 294 -6.19 24.56 -0.45
CA ALA D 294 -6.60 24.53 -1.86
C ALA D 294 -5.43 24.81 -2.78
N THR D 295 -4.55 25.74 -2.39
CA THR D 295 -3.37 26.03 -3.19
C THR D 295 -2.36 24.88 -3.12
N ALA D 296 -2.16 24.33 -1.92
CA ALA D 296 -1.20 23.25 -1.77
C ALA D 296 -1.63 22.00 -2.53
N ALA D 297 -2.93 21.75 -2.61
CA ALA D 297 -3.45 20.62 -3.37
C ALA D 297 -3.64 20.95 -4.85
N ARG D 298 -3.38 22.18 -5.27
CA ARG D 298 -3.61 22.62 -6.65
C ARG D 298 -5.06 22.35 -7.07
N SER D 299 -5.98 22.57 -6.14
CA SER D 299 -7.40 22.29 -6.35
C SER D 299 -8.10 23.57 -6.75
N LEU D 300 -8.34 23.73 -8.05
CA LEU D 300 -9.16 24.85 -8.51
C LEU D 300 -10.62 24.78 -8.03
N PRO D 301 -11.29 23.62 -8.02
CA PRO D 301 -12.67 23.60 -7.51
C PRO D 301 -12.81 24.05 -6.06
N GLN D 302 -11.80 23.78 -5.22
CA GLN D 302 -11.89 24.24 -3.84
C GLN D 302 -11.83 25.76 -3.75
N TRP D 303 -11.04 26.40 -4.60
CA TRP D 303 -11.02 27.85 -4.65
C TRP D 303 -12.32 28.39 -5.23
N GLU D 304 -12.92 27.67 -6.19
CA GLU D 304 -14.18 28.13 -6.76
C GLU D 304 -15.31 28.09 -5.75
N ASP D 305 -15.39 27.01 -4.96
CA ASP D 305 -16.44 26.89 -3.95
C ASP D 305 -16.30 27.92 -2.84
N LEU D 306 -15.10 28.47 -2.63
CA LEU D 306 -14.93 29.53 -1.63
C LEU D 306 -15.72 30.77 -2.00
N PHE D 307 -15.89 31.02 -3.30
CA PHE D 307 -16.68 32.13 -3.80
C PHE D 307 -18.10 31.72 -4.18
N GLY D 308 -18.43 30.44 -4.07
CA GLY D 308 -19.76 29.95 -4.41
C GLY D 308 -19.78 29.03 -5.61
#